data_4Q05
#
_entry.id   4Q05
#
_cell.length_a   138.796
_cell.length_b   138.796
_cell.length_c   49.247
_cell.angle_alpha   90.00
_cell.angle_beta   90.00
_cell.angle_gamma   120.00
#
_symmetry.space_group_name_H-M   'P 31'
#
loop_
_entity.id
_entity.type
_entity.pdbx_description
1 polymer 'esterase E25'
2 non-polymer 'SODIUM ION'
3 water water
#
_entity_poly.entity_id   1
_entity_poly.type   'polypeptide(L)'
_entity_poly.pdbx_seq_one_letter_code
;MGSSHHHHHHSSGLVPRGSHMTNQNESANSKTQENSWQIGPRTLPAPSGASDVLYNIISKTPTPVPTINLNLVPRTESEW
RAAITQLDEGKVDMAREISKQLSVSVEHGVIEGVSVYYVTPVEVAPDLEDKLFVHTHGGAFVLNGGEAGTIEAIVIATLA
KVRVLSIDYRMPPSHPAPAARDDVFTVYQHLLKQGSAQKIALGGSSGGANLTMGLVQHLIEQEVDLPGALFLGTPGADMS
KTGDSYYINDGIDRNLVTYDGFLEAAVRLYANGRDLKDPLVSPLYGDLHGFPPTFLITGTRDLLLSATVRTHIKLRQSGV
VADLFVYEGIAHGDYAVDLTAPETQHAFAELNAFLLQHLR
;
_entity_poly.pdbx_strand_id   A,B
#
# COMPACT_ATOMS: atom_id res chain seq x y z
N GLU A 34 -25.01 6.25 10.04
CA GLU A 34 -25.77 5.46 9.08
C GLU A 34 -25.56 5.97 7.65
N ASN A 35 -24.64 6.93 7.51
CA ASN A 35 -24.20 7.37 6.19
C ASN A 35 -23.24 6.35 5.58
N SER A 36 -23.21 5.17 6.20
CA SER A 36 -22.28 4.13 5.83
C SER A 36 -22.87 3.19 4.77
N TRP A 37 -22.03 2.36 4.20
CA TRP A 37 -22.43 1.46 3.11
C TRP A 37 -22.68 0.05 3.62
N GLN A 38 -23.77 -0.55 3.17
CA GLN A 38 -24.00 -1.95 3.47
C GLN A 38 -23.49 -2.76 2.28
N ILE A 39 -22.43 -3.54 2.53
CA ILE A 39 -21.81 -4.33 1.48
C ILE A 39 -22.36 -5.74 1.58
N GLY A 40 -22.79 -6.30 0.46
CA GLY A 40 -23.32 -7.65 0.44
C GLY A 40 -22.22 -8.69 0.61
N PRO A 41 -22.61 -9.95 0.78
CA PRO A 41 -21.61 -11.02 0.92
C PRO A 41 -20.66 -11.02 -0.27
N ARG A 42 -19.39 -11.30 -0.01
CA ARG A 42 -18.38 -11.32 -1.06
C ARG A 42 -17.81 -12.75 -1.07
N THR A 43 -17.26 -13.18 -2.19
CA THR A 43 -16.54 -14.44 -2.26
C THR A 43 -15.07 -14.15 -2.52
N LEU A 44 -14.19 -14.74 -1.72
CA LEU A 44 -12.77 -14.42 -1.80
C LEU A 44 -11.92 -15.65 -2.07
N PRO A 45 -11.51 -15.83 -3.33
CA PRO A 45 -10.67 -16.97 -3.69
C PRO A 45 -9.24 -16.74 -3.22
N ALA A 46 -8.48 -17.82 -3.08
CA ALA A 46 -7.07 -17.71 -2.78
C ALA A 46 -6.43 -16.86 -3.88
N PRO A 47 -5.40 -16.06 -3.53
CA PRO A 47 -4.90 -15.11 -4.53
C PRO A 47 -3.80 -15.69 -5.42
N SER A 48 -4.12 -15.98 -6.67
CA SER A 48 -3.12 -16.48 -7.61
C SER A 48 -2.04 -15.46 -7.86
N GLY A 49 -2.29 -14.22 -7.44
CA GLY A 49 -1.28 -13.18 -7.60
C GLY A 49 -0.18 -13.29 -6.57
N ALA A 50 -0.45 -13.98 -5.47
CA ALA A 50 0.54 -14.22 -4.44
C ALA A 50 1.51 -15.32 -4.88
N SER A 51 2.60 -15.49 -4.13
CA SER A 51 3.51 -16.61 -4.38
C SER A 51 2.78 -17.93 -4.19
N ASP A 52 3.30 -18.99 -4.78
CA ASP A 52 2.74 -20.31 -4.53
C ASP A 52 2.70 -20.63 -3.04
N VAL A 53 3.76 -20.31 -2.33
CA VAL A 53 3.81 -20.57 -0.89
C VAL A 53 2.64 -19.88 -0.17
N LEU A 54 2.42 -18.61 -0.45
CA LEU A 54 1.36 -17.86 0.25
C LEU A 54 -0.01 -18.32 -0.23
N TYR A 55 -0.13 -18.52 -1.54
CA TYR A 55 -1.35 -19.06 -2.11
C TYR A 55 -1.74 -20.37 -1.41
N ASN A 56 -0.77 -21.25 -1.20
CA ASN A 56 -1.07 -22.53 -0.55
C ASN A 56 -1.45 -22.36 0.92
N ILE A 57 -0.73 -21.48 1.63
CA ILE A 57 -1.09 -21.18 3.00
C ILE A 57 -2.54 -20.70 3.07
N ILE A 58 -2.88 -19.74 2.24
CA ILE A 58 -4.21 -19.16 2.26
C ILE A 58 -5.25 -20.19 1.86
N SER A 59 -4.92 -20.96 0.82
CA SER A 59 -5.83 -21.97 0.29
C SER A 59 -6.14 -23.06 1.34
N LYS A 60 -5.19 -23.32 2.23
CA LYS A 60 -5.39 -24.30 3.29
C LYS A 60 -5.98 -23.69 4.57
N THR A 61 -6.17 -22.37 4.56
CA THR A 61 -6.75 -21.69 5.72
C THR A 61 -8.26 -21.76 5.59
N PRO A 62 -8.96 -22.18 6.65
CA PRO A 62 -10.43 -22.17 6.55
C PRO A 62 -10.95 -20.74 6.60
N THR A 63 -12.11 -20.51 6.01
CA THR A 63 -12.78 -19.22 6.14
C THR A 63 -12.67 -18.74 7.58
N PRO A 64 -12.13 -17.53 7.78
CA PRO A 64 -12.02 -17.04 9.16
C PRO A 64 -13.40 -17.02 9.83
N VAL A 65 -13.43 -17.29 11.12
CA VAL A 65 -14.70 -17.36 11.86
C VAL A 65 -14.77 -16.27 12.93
N PRO A 66 -15.52 -15.20 12.66
CA PRO A 66 -15.52 -14.03 13.55
C PRO A 66 -16.19 -14.23 14.92
N THR A 67 -16.83 -15.38 15.13
CA THR A 67 -17.52 -15.63 16.39
C THR A 67 -16.58 -15.99 17.55
N ILE A 68 -15.47 -16.67 17.25
CA ILE A 68 -14.47 -16.97 18.27
C ILE A 68 -13.97 -15.69 18.96
N ASN A 69 -13.39 -14.79 18.17
CA ASN A 69 -12.87 -13.55 18.72
C ASN A 69 -13.97 -12.66 19.27
N LEU A 70 -15.17 -12.81 18.70
CA LEU A 70 -16.35 -12.09 19.17
C LEU A 70 -16.77 -12.56 20.56
N ASN A 71 -16.48 -13.82 20.87
CA ASN A 71 -16.88 -14.41 22.13
C ASN A 71 -15.77 -14.47 23.17
N LEU A 72 -14.54 -14.16 22.75
CA LEU A 72 -13.41 -14.14 23.67
C LEU A 72 -13.28 -12.76 24.28
N VAL A 73 -14.03 -12.54 25.36
CA VAL A 73 -14.05 -11.22 25.97
C VAL A 73 -13.83 -11.36 27.47
N PRO A 74 -12.56 -11.51 27.86
CA PRO A 74 -12.19 -11.59 29.28
C PRO A 74 -12.64 -10.32 29.99
N ARG A 75 -13.13 -10.49 31.21
CA ARG A 75 -13.52 -9.34 32.01
C ARG A 75 -12.67 -9.26 33.27
N THR A 76 -12.28 -10.42 33.78
CA THR A 76 -11.50 -10.47 35.01
C THR A 76 -10.04 -10.70 34.68
N GLU A 77 -9.17 -10.30 35.59
CA GLU A 77 -7.74 -10.54 35.42
C GLU A 77 -7.50 -12.03 35.22
N SER A 78 -8.27 -12.84 35.93
CA SER A 78 -8.12 -14.29 35.82
C SER A 78 -8.54 -14.80 34.42
N GLU A 79 -9.62 -14.24 33.88
CA GLU A 79 -10.03 -14.59 32.53
C GLU A 79 -9.00 -14.10 31.51
N TRP A 80 -8.39 -12.94 31.77
CA TRP A 80 -7.33 -12.45 30.91
C TRP A 80 -6.16 -13.43 30.89
N ARG A 81 -5.67 -13.80 32.06
CA ARG A 81 -4.55 -14.73 32.14
CA ARG A 81 -4.55 -14.73 32.14
C ARG A 81 -4.85 -16.01 31.35
N ALA A 82 -6.09 -16.48 31.44
CA ALA A 82 -6.48 -17.68 30.70
C ALA A 82 -6.53 -17.46 29.20
N ALA A 83 -7.13 -16.35 28.77
CA ALA A 83 -7.20 -16.03 27.34
C ALA A 83 -5.79 -15.94 26.78
N ILE A 84 -4.92 -15.26 27.51
CA ILE A 84 -3.57 -14.96 27.05
C ILE A 84 -2.77 -16.25 26.86
N THR A 85 -2.75 -17.07 27.89
CA THR A 85 -2.14 -18.39 27.82
C THR A 85 -2.65 -19.16 26.61
N GLN A 86 -3.96 -19.19 26.44
CA GLN A 86 -4.57 -19.91 25.32
C GLN A 86 -4.06 -19.39 23.98
N LEU A 87 -4.07 -18.07 23.80
CA LEU A 87 -3.64 -17.48 22.55
C LEU A 87 -2.13 -17.62 22.30
N ASP A 88 -1.34 -17.71 23.36
CA ASP A 88 0.11 -17.81 23.25
C ASP A 88 0.56 -19.25 23.07
N GLU A 89 -0.40 -20.17 23.13
CA GLU A 89 -0.07 -21.59 23.11
C GLU A 89 0.75 -21.93 21.87
N GLY A 90 1.86 -22.63 22.07
CA GLY A 90 2.65 -23.13 20.96
C GLY A 90 3.64 -22.13 20.38
N LYS A 91 3.58 -20.88 20.82
CA LYS A 91 4.44 -19.85 20.28
C LYS A 91 5.90 -20.11 20.62
N VAL A 92 6.15 -20.48 21.87
CA VAL A 92 7.52 -20.75 22.26
C VAL A 92 8.08 -21.89 21.43
N ASP A 93 7.30 -22.95 21.28
CA ASP A 93 7.70 -24.11 20.49
C ASP A 93 8.05 -23.71 19.06
N MET A 94 7.19 -22.92 18.43
CA MET A 94 7.49 -22.45 17.07
C MET A 94 8.80 -21.67 17.05
N ALA A 95 8.98 -20.80 18.04
CA ALA A 95 10.16 -19.94 18.10
C ALA A 95 11.42 -20.78 18.14
N ARG A 96 11.47 -21.73 19.06
CA ARG A 96 12.63 -22.59 19.20
C ARG A 96 12.86 -23.42 17.95
N GLU A 97 11.78 -23.88 17.33
CA GLU A 97 11.91 -24.69 16.13
C GLU A 97 12.56 -23.89 15.00
N ILE A 98 12.06 -22.68 14.76
CA ILE A 98 12.67 -21.84 13.74
C ILE A 98 14.12 -21.57 14.09
N SER A 99 14.37 -21.31 15.37
CA SER A 99 15.72 -21.00 15.85
C SER A 99 16.68 -22.14 15.55
N LYS A 100 16.29 -23.35 15.92
CA LYS A 100 17.12 -24.52 15.68
C LYS A 100 17.36 -24.68 14.19
N GLN A 101 16.29 -24.60 13.40
CA GLN A 101 16.39 -24.82 11.98
C GLN A 101 17.33 -23.83 11.30
N LEU A 102 17.32 -22.58 11.75
CA LEU A 102 18.06 -21.55 11.08
C LEU A 102 19.36 -21.20 11.79
N SER A 103 19.64 -21.88 12.89
CA SER A 103 20.87 -21.64 13.63
C SER A 103 20.87 -20.22 14.20
N VAL A 104 19.73 -19.81 14.75
CA VAL A 104 19.65 -18.52 15.41
C VAL A 104 19.80 -18.74 16.90
N SER A 105 20.70 -17.96 17.51
CA SER A 105 20.89 -18.02 18.95
C SER A 105 19.83 -17.12 19.58
N VAL A 106 19.06 -17.67 20.52
CA VAL A 106 18.11 -16.88 21.28
C VAL A 106 18.38 -17.01 22.78
N GLU A 107 18.81 -15.91 23.38
CA GLU A 107 19.28 -15.97 24.77
C GLU A 107 18.62 -14.92 25.64
N HIS A 108 17.98 -15.39 26.72
CA HIS A 108 17.32 -14.49 27.64
C HIS A 108 18.35 -13.71 28.43
N GLY A 109 18.02 -12.48 28.76
CA GLY A 109 18.85 -11.67 29.62
C GLY A 109 18.02 -10.58 30.26
N VAL A 110 18.66 -9.74 31.05
CA VAL A 110 17.95 -8.64 31.68
C VAL A 110 18.78 -7.36 31.51
N ILE A 111 18.10 -6.29 31.15
CA ILE A 111 18.77 -5.01 31.01
C ILE A 111 18.03 -4.04 31.90
N GLU A 112 18.70 -3.56 32.95
CA GLU A 112 18.09 -2.64 33.88
C GLU A 112 16.75 -3.15 34.35
N GLY A 113 16.69 -4.44 34.67
CA GLY A 113 15.48 -5.02 35.22
C GLY A 113 14.48 -5.44 34.15
N VAL A 114 14.75 -5.10 32.89
CA VAL A 114 13.83 -5.45 31.79
C VAL A 114 14.22 -6.78 31.14
N SER A 115 13.25 -7.67 31.01
CA SER A 115 13.44 -8.93 30.30
C SER A 115 13.76 -8.66 28.82
N VAL A 116 14.84 -9.24 28.32
CA VAL A 116 15.17 -9.11 26.89
C VAL A 116 15.64 -10.45 26.31
N TYR A 117 15.62 -10.54 24.98
CA TYR A 117 16.19 -11.71 24.32
C TYR A 117 17.18 -11.25 23.30
N TYR A 118 18.41 -11.76 23.41
CA TYR A 118 19.45 -11.52 22.44
C TYR A 118 19.30 -12.54 21.33
N VAL A 119 19.09 -12.07 20.12
CA VAL A 119 18.78 -12.93 18.98
C VAL A 119 19.87 -12.70 17.95
N THR A 120 20.74 -13.69 17.80
CA THR A 120 21.90 -13.58 16.93
C THR A 120 21.81 -14.58 15.79
N PRO A 121 21.77 -14.10 14.54
CA PRO A 121 21.68 -14.97 13.37
C PRO A 121 23.08 -15.47 13.02
N VAL A 122 23.20 -16.54 12.23
CA VAL A 122 24.52 -17.03 11.85
C VAL A 122 25.24 -16.06 10.93
N GLU A 123 24.47 -15.30 10.18
CA GLU A 123 25.06 -14.38 9.22
C GLU A 123 24.61 -12.95 9.51
N VAL A 124 25.56 -12.11 9.88
CA VAL A 124 25.30 -10.69 10.04
C VAL A 124 25.97 -9.95 8.88
N ALA A 125 25.22 -9.10 8.19
CA ALA A 125 25.77 -8.37 7.05
C ALA A 125 26.97 -7.54 7.48
N PRO A 126 28.04 -7.57 6.67
CA PRO A 126 29.26 -6.83 6.99
C PRO A 126 28.97 -5.42 7.51
N ASP A 127 28.18 -4.65 6.79
CA ASP A 127 27.93 -3.27 7.20
C ASP A 127 26.89 -3.15 8.31
N LEU A 128 26.37 -4.29 8.79
CA LEU A 128 25.44 -4.29 9.93
C LEU A 128 26.10 -4.87 11.18
N GLU A 129 27.39 -5.17 11.05
CA GLU A 129 28.14 -5.79 12.14
C GLU A 129 28.20 -4.94 13.42
N ASP A 130 28.24 -3.63 13.30
CA ASP A 130 28.21 -2.76 14.48
C ASP A 130 26.84 -2.15 14.69
N LYS A 131 25.82 -2.75 14.11
CA LYS A 131 24.47 -2.19 14.19
C LYS A 131 23.61 -3.08 15.08
N LEU A 132 22.47 -2.56 15.51
CA LEU A 132 21.57 -3.36 16.35
C LEU A 132 20.11 -3.07 16.04
N PHE A 133 19.32 -4.14 15.94
CA PHE A 133 17.89 -3.98 15.72
C PHE A 133 17.20 -4.29 17.03
N VAL A 134 16.57 -3.28 17.60
CA VAL A 134 15.85 -3.46 18.85
C VAL A 134 14.40 -3.73 18.52
N HIS A 135 13.93 -4.91 18.91
CA HIS A 135 12.65 -5.39 18.41
C HIS A 135 11.59 -5.34 19.50
N THR A 136 10.40 -4.88 19.14
CA THR A 136 9.28 -4.82 20.07
C THR A 136 8.18 -5.68 19.49
N HIS A 137 7.88 -6.79 20.16
CA HIS A 137 7.01 -7.81 19.59
C HIS A 137 5.57 -7.33 19.40
N GLY A 138 4.86 -7.98 18.48
CA GLY A 138 3.47 -7.69 18.22
C GLY A 138 2.55 -8.47 19.12
N GLY A 139 1.34 -8.74 18.64
CA GLY A 139 0.29 -9.22 19.51
C GLY A 139 -0.46 -7.98 19.96
N ALA A 140 -1.69 -8.15 20.36
CA ALA A 140 -2.48 -7.05 20.75
C ALA A 140 -2.31 -6.74 22.22
N PHE A 141 -1.15 -6.24 22.56
CA PHE A 141 -0.87 -5.58 23.81
C PHE A 141 -0.75 -6.46 25.05
N VAL A 142 -1.16 -7.70 24.95
CA VAL A 142 -1.12 -8.58 26.10
C VAL A 142 -0.54 -9.93 25.70
N LEU A 143 -0.28 -10.12 24.43
CA LEU A 143 0.15 -11.40 23.89
C LEU A 143 1.65 -11.44 23.65
N ASN A 144 2.17 -12.66 23.48
CA ASN A 144 3.56 -12.88 23.12
C ASN A 144 4.59 -12.45 24.14
N GLY A 145 4.24 -12.56 25.42
CA GLY A 145 5.18 -12.33 26.49
C GLY A 145 6.24 -13.40 26.48
N GLY A 146 7.39 -13.11 27.07
CA GLY A 146 8.44 -14.10 27.17
C GLY A 146 8.95 -14.53 25.82
N GLU A 147 9.39 -15.78 25.76
CA GLU A 147 10.09 -16.27 24.59
C GLU A 147 9.14 -16.35 23.40
N ALA A 148 7.84 -16.36 23.68
CA ALA A 148 6.85 -16.41 22.61
C ALA A 148 7.01 -15.22 21.68
N GLY A 149 7.52 -14.12 22.22
CA GLY A 149 7.66 -12.89 21.44
C GLY A 149 8.86 -12.86 20.52
N THR A 150 9.68 -13.90 20.55
CA THR A 150 10.91 -13.90 19.76
C THR A 150 10.74 -14.35 18.30
N ILE A 151 9.57 -14.88 17.94
CA ILE A 151 9.40 -15.36 16.57
C ILE A 151 9.75 -14.30 15.53
N GLU A 152 9.12 -13.13 15.59
CA GLU A 152 9.40 -12.12 14.58
C GLU A 152 10.85 -11.63 14.65
N ALA A 153 11.41 -11.60 15.86
CA ALA A 153 12.81 -11.20 16.05
C ALA A 153 13.74 -12.18 15.35
N ILE A 154 13.40 -13.45 15.44
CA ILE A 154 14.19 -14.48 14.78
C ILE A 154 14.14 -14.29 13.26
N VAL A 155 12.95 -13.97 12.75
CA VAL A 155 12.79 -13.75 11.31
C VAL A 155 13.58 -12.52 10.86
N ILE A 156 13.45 -11.43 11.59
CA ILE A 156 14.21 -10.24 11.27
C ILE A 156 15.70 -10.54 11.33
N ALA A 157 16.14 -11.18 12.40
CA ALA A 157 17.56 -11.45 12.57
C ALA A 157 18.13 -12.23 11.37
N THR A 158 17.52 -13.37 11.04
CA THR A 158 18.06 -14.21 9.96
C THR A 158 17.99 -13.56 8.61
N LEU A 159 16.82 -12.99 8.28
CA LEU A 159 16.61 -12.50 6.93
C LEU A 159 17.18 -11.11 6.71
N ALA A 160 17.07 -10.23 7.72
CA ALA A 160 17.68 -8.93 7.57
C ALA A 160 19.18 -8.97 7.91
N LYS A 161 19.64 -10.12 8.40
CA LYS A 161 21.06 -10.33 8.69
C LYS A 161 21.63 -9.30 9.65
N VAL A 162 21.00 -9.21 10.81
CA VAL A 162 21.35 -8.20 11.79
C VAL A 162 21.08 -8.80 13.16
N ARG A 163 21.87 -8.43 14.16
CA ARG A 163 21.57 -8.86 15.52
C ARG A 163 20.32 -8.15 15.98
N VAL A 164 19.48 -8.87 16.71
CA VAL A 164 18.27 -8.33 17.26
C VAL A 164 18.30 -8.44 18.78
N LEU A 165 17.81 -7.40 19.43
CA LEU A 165 17.57 -7.43 20.87
C LEU A 165 16.07 -7.26 21.03
N SER A 166 15.39 -8.33 21.45
CA SER A 166 13.93 -8.26 21.57
C SER A 166 13.54 -7.94 23.00
N ILE A 167 12.72 -6.91 23.15
CA ILE A 167 12.32 -6.47 24.48
C ILE A 167 11.05 -7.17 24.97
N ASP A 168 11.19 -7.92 26.05
CA ASP A 168 10.08 -8.65 26.64
C ASP A 168 9.46 -7.72 27.69
N TYR A 169 8.77 -6.70 27.20
CA TYR A 169 8.25 -5.64 28.05
C TYR A 169 7.08 -6.14 28.86
N ARG A 170 6.90 -5.53 30.03
CA ARG A 170 5.81 -5.92 30.92
C ARG A 170 4.48 -5.49 30.32
N MET A 171 3.48 -6.35 30.42
CA MET A 171 2.20 -6.12 29.77
C MET A 171 1.04 -6.23 30.75
N PRO A 172 -0.10 -5.61 30.42
CA PRO A 172 -1.33 -5.90 31.18
C PRO A 172 -1.67 -7.38 31.00
N PRO A 173 -2.49 -7.94 31.91
CA PRO A 173 -3.18 -7.27 33.02
C PRO A 173 -2.30 -7.07 34.25
N SER A 174 -1.24 -7.87 34.40
CA SER A 174 -0.40 -7.82 35.59
C SER A 174 0.32 -6.48 35.70
N HIS A 175 0.74 -5.93 34.57
CA HIS A 175 1.47 -4.66 34.55
C HIS A 175 0.81 -3.67 33.61
N PRO A 176 -0.11 -2.87 34.17
CA PRO A 176 -0.87 -1.91 33.37
C PRO A 176 0.06 -0.94 32.67
N ALA A 177 -0.36 -0.43 31.52
CA ALA A 177 0.37 0.65 30.89
C ALA A 177 0.57 1.72 31.98
N PRO A 178 1.67 2.49 31.91
CA PRO A 178 2.68 2.48 30.85
C PRO A 178 3.89 1.63 31.21
N ALA A 179 3.71 0.53 31.93
CA ALA A 179 4.84 -0.35 32.23
C ALA A 179 5.62 -0.76 30.97
N ALA A 180 4.91 -1.15 29.92
CA ALA A 180 5.58 -1.55 28.68
C ALA A 180 6.36 -0.40 28.08
N ARG A 181 5.71 0.75 27.97
CA ARG A 181 6.36 1.96 27.51
C ARG A 181 7.64 2.20 28.30
N ASP A 182 7.54 2.12 29.63
CA ASP A 182 8.69 2.36 30.51
C ASP A 182 9.83 1.40 30.21
N ASP A 183 9.49 0.12 30.07
CA ASP A 183 10.48 -0.90 29.76
C ASP A 183 11.21 -0.64 28.47
N VAL A 184 10.48 -0.29 27.43
CA VAL A 184 11.15 -0.01 26.17
C VAL A 184 12.06 1.20 26.33
N PHE A 185 11.58 2.25 26.97
CA PHE A 185 12.42 3.43 27.20
C PHE A 185 13.67 3.07 28.02
N THR A 186 13.49 2.26 29.06
CA THR A 186 14.60 1.87 29.92
C THR A 186 15.70 1.19 29.14
N VAL A 187 15.32 0.22 28.30
CA VAL A 187 16.30 -0.49 27.50
C VAL A 187 16.97 0.45 26.50
N TYR A 188 16.16 1.28 25.85
CA TYR A 188 16.72 2.23 24.89
C TYR A 188 17.74 3.17 25.53
N GLN A 189 17.37 3.76 26.67
CA GLN A 189 18.30 4.66 27.35
C GLN A 189 19.60 3.96 27.68
N HIS A 190 19.50 2.74 28.18
CA HIS A 190 20.69 1.96 28.49
C HIS A 190 21.57 1.81 27.28
N LEU A 191 20.97 1.49 26.14
CA LEU A 191 21.73 1.29 24.92
C LEU A 191 22.47 2.55 24.48
N LEU A 192 21.84 3.72 24.63
CA LEU A 192 22.49 4.98 24.28
C LEU A 192 23.71 5.27 25.16
N LYS A 193 23.72 4.75 26.39
CA LYS A 193 24.90 4.84 27.24
C LYS A 193 26.06 4.08 26.61
N GLN A 194 25.71 3.10 25.77
CA GLN A 194 26.66 2.13 25.23
C GLN A 194 27.23 2.51 23.87
N GLY A 195 26.47 3.29 23.10
CA GLY A 195 26.84 3.57 21.74
C GLY A 195 25.86 4.49 21.04
N SER A 196 26.10 4.76 19.77
CA SER A 196 25.33 5.75 19.04
C SER A 196 23.93 5.26 18.66
N ALA A 197 22.93 6.11 18.85
CA ALA A 197 21.55 5.76 18.51
C ALA A 197 21.44 5.53 17.00
N GLN A 198 22.35 6.14 16.24
CA GLN A 198 22.28 6.08 14.78
C GLN A 198 22.58 4.68 14.26
N LYS A 199 23.21 3.86 15.11
CA LYS A 199 23.52 2.49 14.74
C LYS A 199 22.37 1.55 15.08
N ILE A 200 21.30 2.13 15.60
CA ILE A 200 20.19 1.33 16.10
C ILE A 200 18.95 1.48 15.24
N ALA A 201 18.38 0.33 14.85
CA ALA A 201 17.03 0.31 14.28
C ALA A 201 16.07 -0.16 15.38
N LEU A 202 14.85 0.34 15.34
CA LEU A 202 13.89 0.01 16.36
C LEU A 202 12.56 -0.33 15.73
N GLY A 203 11.95 -1.41 16.15
CA GLY A 203 10.57 -1.59 15.79
C GLY A 203 10.07 -3.00 15.87
N GLY A 204 8.94 -3.22 15.23
CA GLY A 204 8.26 -4.49 15.30
C GLY A 204 6.86 -4.32 14.78
N SER A 205 5.90 -4.97 15.41
CA SER A 205 4.60 -5.09 14.79
C SER A 205 3.49 -4.88 15.79
N SER A 206 2.30 -4.61 15.29
CA SER A 206 1.12 -4.48 16.13
C SER A 206 1.37 -3.64 17.38
N GLY A 207 1.14 -4.23 18.54
CA GLY A 207 1.27 -3.52 19.80
C GLY A 207 2.68 -3.01 20.07
N GLY A 208 3.68 -3.80 19.67
CA GLY A 208 5.06 -3.39 19.86
C GLY A 208 5.40 -2.21 18.96
N ALA A 209 4.86 -2.22 17.75
CA ALA A 209 5.02 -1.09 16.84
C ALA A 209 4.34 0.15 17.44
N ASN A 210 3.26 -0.07 18.16
CA ASN A 210 2.57 0.98 18.88
C ASN A 210 3.50 1.60 19.92
N LEU A 211 4.14 0.78 20.74
CA LEU A 211 5.12 1.28 21.73
C LEU A 211 6.28 1.97 21.04
N THR A 212 6.70 1.43 19.91
CA THR A 212 7.81 2.03 19.16
C THR A 212 7.45 3.46 18.74
N MET A 213 6.29 3.62 18.14
CA MET A 213 5.85 4.95 17.75
C MET A 213 5.75 5.89 18.97
N GLY A 214 5.15 5.38 20.06
CA GLY A 214 5.02 6.19 21.25
C GLY A 214 6.37 6.58 21.84
N LEU A 215 7.29 5.63 21.86
CA LEU A 215 8.64 5.92 22.35
C LEU A 215 9.32 7.00 21.52
N VAL A 216 9.27 6.86 20.20
CA VAL A 216 9.95 7.83 19.36
C VAL A 216 9.38 9.23 19.57
N GLN A 217 8.07 9.33 19.75
CA GLN A 217 7.43 10.62 20.02
C GLN A 217 7.95 11.23 21.32
N HIS A 218 8.07 10.38 22.34
CA HIS A 218 8.64 10.77 23.63
C HIS A 218 10.08 11.26 23.47
N LEU A 219 10.91 10.45 22.82
CA LEU A 219 12.30 10.82 22.55
C LEU A 219 12.41 12.17 21.86
N ILE A 220 11.56 12.40 20.86
CA ILE A 220 11.61 13.65 20.13
C ILE A 220 11.27 14.82 21.05
N GLU A 221 10.27 14.62 21.90
CA GLU A 221 9.86 15.61 22.89
C GLU A 221 11.02 15.94 23.83
N GLN A 222 11.69 14.89 24.30
CA GLN A 222 12.77 15.01 25.28
C GLN A 222 14.11 15.31 24.63
N GLU A 223 14.12 15.46 23.30
CA GLU A 223 15.35 15.77 22.56
C GLU A 223 16.42 14.70 22.77
N VAL A 224 16.00 13.47 22.98
CA VAL A 224 16.93 12.34 23.06
C VAL A 224 17.27 11.85 21.66
N ASP A 225 18.49 11.37 21.47
CA ASP A 225 18.92 10.85 20.17
C ASP A 225 17.96 9.76 19.69
N LEU A 226 17.70 9.74 18.38
CA LEU A 226 16.71 8.81 17.81
C LEU A 226 17.39 7.64 17.13
N PRO A 227 16.66 6.53 16.98
CA PRO A 227 17.22 5.41 16.21
C PRO A 227 17.53 5.84 14.77
N GLY A 228 18.43 5.13 14.12
CA GLY A 228 18.75 5.42 12.73
C GLY A 228 17.64 5.01 11.78
N ALA A 229 16.78 4.11 12.21
CA ALA A 229 15.68 3.62 11.36
C ALA A 229 14.59 2.98 12.20
N LEU A 230 13.36 3.00 11.70
CA LEU A 230 12.27 2.30 12.39
C LEU A 230 11.70 1.25 11.48
N PHE A 231 11.23 0.16 12.07
CA PHE A 231 10.47 -0.84 11.35
C PHE A 231 9.06 -0.91 11.97
N LEU A 232 8.05 -0.66 11.15
CA LEU A 232 6.67 -0.76 11.61
C LEU A 232 5.89 -1.75 10.74
N GLY A 233 5.81 -2.99 11.18
CA GLY A 233 5.05 -4.00 10.52
C GLY A 233 3.68 -4.00 11.11
N THR A 234 2.67 -3.96 10.26
CA THR A 234 1.27 -3.96 10.63
C THR A 234 1.02 -3.26 11.99
N PRO A 235 1.43 -1.92 12.02
CA PRO A 235 1.42 -1.32 13.36
C PRO A 235 0.04 -1.08 13.93
N GLY A 236 -0.10 -1.20 15.24
CA GLY A 236 -1.34 -0.89 15.89
C GLY A 236 -1.35 0.59 16.14
N ALA A 237 -1.33 1.34 15.04
CA ALA A 237 -1.14 2.78 15.11
C ALA A 237 -2.39 3.54 15.53
N ASP A 238 -3.55 3.02 15.15
CA ASP A 238 -4.83 3.57 15.61
C ASP A 238 -5.70 2.43 16.10
N MET A 239 -5.89 2.34 17.42
CA MET A 239 -6.64 1.22 17.98
C MET A 239 -8.10 1.55 18.30
N SER A 240 -8.55 2.76 17.96
CA SER A 240 -9.98 3.00 17.90
C SER A 240 -10.43 2.23 16.67
N LYS A 241 -11.72 2.02 16.51
CA LYS A 241 -12.19 1.32 15.33
C LYS A 241 -12.31 2.31 14.19
N THR A 242 -11.17 2.89 13.82
CA THR A 242 -11.12 3.85 12.74
C THR A 242 -10.13 3.30 11.74
N GLY A 243 -10.59 3.11 10.49
CA GLY A 243 -9.77 2.56 9.44
C GLY A 243 -10.60 1.62 8.58
N ASP A 244 -10.67 1.92 7.29
CA ASP A 244 -11.41 1.09 6.33
C ASP A 244 -11.19 -0.40 6.56
N SER A 245 -9.94 -0.79 6.75
CA SER A 245 -9.62 -2.22 6.81
C SER A 245 -10.28 -2.92 7.98
N TYR A 246 -10.51 -2.21 9.09
CA TYR A 246 -11.27 -2.78 10.19
C TYR A 246 -12.63 -3.27 9.70
N TYR A 247 -13.19 -2.59 8.71
CA TYR A 247 -14.53 -2.90 8.23
C TYR A 247 -14.47 -3.78 6.98
N ILE A 248 -13.65 -3.35 6.03
CA ILE A 248 -13.50 -4.08 4.79
C ILE A 248 -12.90 -5.47 5.01
N ASN A 249 -11.90 -5.56 5.88
CA ASN A 249 -11.22 -6.83 6.06
C ASN A 249 -11.76 -7.62 7.26
N ASP A 250 -12.89 -7.18 7.80
CA ASP A 250 -13.55 -7.93 8.87
C ASP A 250 -13.92 -9.31 8.32
N GLY A 251 -13.40 -10.37 8.94
CA GLY A 251 -13.63 -11.71 8.46
C GLY A 251 -12.67 -12.13 7.34
N ILE A 252 -11.78 -11.22 6.94
CA ILE A 252 -10.84 -11.51 5.85
C ILE A 252 -9.40 -11.64 6.35
N ASP A 253 -9.12 -11.04 7.50
CA ASP A 253 -7.81 -11.20 8.11
C ASP A 253 -7.86 -12.49 8.93
N ARG A 254 -7.13 -13.52 8.51
CA ARG A 254 -7.25 -14.84 9.13
C ARG A 254 -6.68 -14.87 10.54
N ASN A 255 -5.94 -13.84 10.91
CA ASN A 255 -5.29 -13.80 12.21
C ASN A 255 -6.04 -12.99 13.25
N LEU A 256 -6.29 -11.72 12.96
CA LEU A 256 -7.06 -10.87 13.86
C LEU A 256 -8.56 -11.13 13.70
N VAL A 257 -8.95 -11.49 12.47
CA VAL A 257 -10.34 -11.75 12.09
C VAL A 257 -11.28 -10.54 12.20
N THR A 258 -11.38 -9.96 13.40
CA THR A 258 -12.28 -8.85 13.64
C THR A 258 -11.78 -7.99 14.79
N TYR A 259 -12.14 -6.72 14.77
CA TYR A 259 -11.83 -5.80 15.85
C TYR A 259 -12.71 -6.13 17.05
N ASP A 260 -13.95 -6.52 16.79
CA ASP A 260 -14.95 -6.70 17.83
C ASP A 260 -14.62 -7.88 18.72
N GLY A 261 -14.97 -7.78 19.99
CA GLY A 261 -14.69 -8.84 20.94
C GLY A 261 -13.30 -8.70 21.53
N PHE A 262 -12.47 -9.69 21.28
CA PHE A 262 -11.16 -9.76 21.91
C PHE A 262 -10.27 -8.53 21.67
N LEU A 263 -10.13 -8.15 20.41
CA LEU A 263 -9.18 -7.09 20.09
C LEU A 263 -9.59 -5.82 20.80
N GLU A 264 -10.86 -5.46 20.70
CA GLU A 264 -11.32 -4.26 21.40
C GLU A 264 -11.07 -4.37 22.91
N ALA A 265 -11.34 -5.54 23.47
CA ALA A 265 -11.13 -5.74 24.90
C ALA A 265 -9.66 -5.54 25.24
N ALA A 266 -8.77 -6.09 24.41
CA ALA A 266 -7.34 -5.92 24.65
C ALA A 266 -6.95 -4.45 24.54
N VAL A 267 -7.50 -3.77 23.54
CA VAL A 267 -7.20 -2.37 23.35
C VAL A 267 -7.63 -1.60 24.59
N ARG A 268 -8.86 -1.85 25.04
CA ARG A 268 -9.38 -1.17 26.22
C ARG A 268 -8.57 -1.50 27.48
N LEU A 269 -8.11 -2.74 27.61
CA LEU A 269 -7.25 -3.06 28.74
C LEU A 269 -5.97 -2.20 28.67
N TYR A 270 -5.35 -2.17 27.50
CA TYR A 270 -4.16 -1.35 27.24
C TYR A 270 -4.41 0.13 27.54
N ALA A 271 -5.53 0.64 27.05
CA ALA A 271 -5.87 2.06 27.18
C ALA A 271 -6.03 2.46 28.64
N ASN A 272 -6.51 1.53 29.48
CA ASN A 272 -6.61 1.78 30.90
C ASN A 272 -7.40 3.07 31.20
N GLY A 273 -8.55 3.22 30.55
CA GLY A 273 -9.38 4.39 30.77
C GLY A 273 -9.16 5.56 29.81
N ARG A 274 -8.02 5.58 29.12
CA ARG A 274 -7.76 6.64 28.13
C ARG A 274 -8.68 6.51 26.94
N ASP A 275 -8.97 7.63 26.29
CA ASP A 275 -9.72 7.61 25.04
C ASP A 275 -8.91 6.83 24.00
N LEU A 276 -9.59 6.08 23.15
CA LEU A 276 -8.87 5.23 22.21
C LEU A 276 -8.14 6.05 21.13
N LYS A 277 -8.50 7.32 20.95
CA LYS A 277 -7.77 8.18 20.02
C LYS A 277 -6.71 9.03 20.72
N ASP A 278 -6.57 8.84 22.03
CA ASP A 278 -5.48 9.47 22.78
C ASP A 278 -4.16 8.99 22.14
N PRO A 279 -3.24 9.93 21.81
CA PRO A 279 -2.01 9.53 21.11
C PRO A 279 -1.17 8.58 21.91
N LEU A 280 -1.37 8.52 23.22
CA LEU A 280 -0.62 7.57 24.02
C LEU A 280 -1.13 6.16 23.75
N VAL A 281 -2.41 6.06 23.37
CA VAL A 281 -3.04 4.78 23.03
C VAL A 281 -2.92 4.48 21.53
N SER A 282 -3.10 5.51 20.71
CA SER A 282 -3.07 5.36 19.25
C SER A 282 -2.15 6.43 18.71
N PRO A 283 -0.85 6.12 18.66
CA PRO A 283 0.20 7.10 18.36
C PRO A 283 0.07 7.76 16.97
N LEU A 284 -0.69 7.18 16.06
CA LEU A 284 -0.95 7.80 14.77
C LEU A 284 -1.48 9.22 14.96
N TYR A 285 -2.21 9.43 16.05
CA TYR A 285 -2.81 10.73 16.35
C TYR A 285 -1.80 11.73 16.87
N GLY A 286 -0.63 11.25 17.24
CA GLY A 286 0.41 12.14 17.73
C GLY A 286 1.21 12.71 16.58
N ASP A 287 2.19 13.53 16.91
CA ASP A 287 3.06 14.17 15.93
C ASP A 287 4.08 13.17 15.41
N LEU A 288 4.25 13.13 14.09
CA LEU A 288 5.23 12.23 13.48
C LEU A 288 6.40 12.99 12.84
N HIS A 289 6.41 14.30 12.95
CA HIS A 289 7.56 15.06 12.47
C HIS A 289 8.80 14.64 13.23
N GLY A 290 9.94 14.61 12.54
CA GLY A 290 11.19 14.25 13.19
C GLY A 290 11.45 12.76 13.23
N PHE A 291 10.49 11.95 12.80
CA PHE A 291 10.72 10.50 12.81
C PHE A 291 11.91 10.10 11.95
N PRO A 292 12.65 9.09 12.40
CA PRO A 292 13.73 8.50 11.60
C PRO A 292 13.11 7.85 10.35
N PRO A 293 13.93 7.49 9.36
CA PRO A 293 13.40 6.76 8.21
C PRO A 293 12.66 5.53 8.68
N THR A 294 11.49 5.30 8.11
CA THR A 294 10.61 4.24 8.58
C THR A 294 10.22 3.28 7.44
N PHE A 295 10.21 1.99 7.76
CA PHE A 295 9.91 0.93 6.83
C PHE A 295 8.61 0.31 7.33
N LEU A 296 7.60 0.25 6.46
CA LEU A 296 6.29 -0.27 6.88
C LEU A 296 5.84 -1.40 5.96
N ILE A 297 5.17 -2.38 6.54
CA ILE A 297 4.72 -3.53 5.75
C ILE A 297 3.34 -3.98 6.22
N THR A 298 2.52 -4.37 5.25
CA THR A 298 1.19 -4.85 5.54
C THR A 298 0.74 -5.65 4.29
N GLY A 299 -0.55 -5.91 4.14
CA GLY A 299 -0.99 -6.67 2.98
C GLY A 299 -2.46 -6.46 2.74
N THR A 300 -2.98 -7.00 1.63
CA THR A 300 -4.34 -6.72 1.22
C THR A 300 -5.38 -7.25 2.20
N ARG A 301 -5.04 -8.28 2.98
CA ARG A 301 -6.03 -8.87 3.88
C ARG A 301 -5.83 -8.45 5.33
N ASP A 302 -4.92 -7.52 5.56
CA ASP A 302 -4.59 -7.10 6.91
C ASP A 302 -5.70 -6.24 7.50
N LEU A 303 -6.18 -6.62 8.67
CA LEU A 303 -7.16 -5.80 9.40
C LEU A 303 -6.56 -4.45 9.73
N LEU A 304 -5.22 -4.39 9.83
CA LEU A 304 -4.52 -3.14 10.12
C LEU A 304 -3.89 -2.50 8.88
N LEU A 305 -4.32 -2.92 7.71
CA LEU A 305 -3.89 -2.27 6.48
C LEU A 305 -4.05 -0.75 6.58
N SER A 306 -5.23 -0.29 7.00
CA SER A 306 -5.52 1.14 7.12
C SER A 306 -4.58 1.80 8.13
N ALA A 307 -4.40 1.16 9.28
CA ALA A 307 -3.51 1.72 10.30
C ALA A 307 -2.13 1.93 9.70
N THR A 308 -1.73 0.99 8.85
CA THR A 308 -0.40 1.02 8.28
C THR A 308 -0.23 2.14 7.25
N VAL A 309 -1.14 2.17 6.29
CA VAL A 309 -0.99 3.11 5.19
C VAL A 309 -1.30 4.53 5.66
N ARG A 310 -2.18 4.64 6.65
CA ARG A 310 -2.45 5.94 7.27
C ARG A 310 -1.19 6.43 7.93
N THR A 311 -0.46 5.51 8.56
CA THR A 311 0.78 5.92 9.22
C THR A 311 1.85 6.30 8.19
N HIS A 312 1.97 5.49 7.15
CA HIS A 312 2.92 5.76 6.08
C HIS A 312 2.66 7.14 5.49
N ILE A 313 1.39 7.44 5.25
CA ILE A 313 1.04 8.69 4.62
C ILE A 313 1.33 9.84 5.57
N LYS A 314 0.98 9.68 6.84
CA LYS A 314 1.23 10.75 7.81
C LYS A 314 2.73 11.02 7.94
N LEU A 315 3.53 9.95 7.93
CA LEU A 315 4.98 10.13 7.94
C LEU A 315 5.44 10.94 6.72
N ARG A 316 5.04 10.50 5.53
CA ARG A 316 5.44 11.22 4.32
C ARG A 316 5.02 12.68 4.36
N GLN A 317 3.80 12.92 4.81
CA GLN A 317 3.29 14.29 4.91
C GLN A 317 4.06 15.09 5.96
N SER A 318 4.77 14.39 6.83
CA SER A 318 5.50 15.06 7.90
C SER A 318 6.98 15.12 7.56
N GLY A 319 7.29 14.84 6.31
CA GLY A 319 8.65 15.04 5.83
C GLY A 319 9.57 13.91 6.23
N VAL A 320 8.99 12.76 6.57
CA VAL A 320 9.81 11.62 6.97
C VAL A 320 10.03 10.67 5.80
N VAL A 321 11.23 10.11 5.70
CA VAL A 321 11.48 9.04 4.75
C VAL A 321 10.71 7.82 5.23
N ALA A 322 9.77 7.37 4.41
CA ALA A 322 8.98 6.19 4.77
C ALA A 322 8.70 5.36 3.53
N ASP A 323 9.06 4.09 3.59
CA ASP A 323 8.88 3.17 2.48
C ASP A 323 7.80 2.17 2.83
N LEU A 324 6.81 2.05 1.96
CA LEU A 324 5.68 1.16 2.21
C LEU A 324 5.72 -0.08 1.31
N PHE A 325 5.44 -1.23 1.89
CA PHE A 325 5.30 -2.48 1.16
C PHE A 325 3.97 -3.13 1.53
N VAL A 326 3.15 -3.40 0.53
CA VAL A 326 1.85 -4.04 0.72
C VAL A 326 1.84 -5.31 -0.13
N TYR A 327 1.66 -6.46 0.52
CA TYR A 327 1.71 -7.72 -0.19
C TYR A 327 0.33 -8.28 -0.45
N GLU A 328 0.06 -8.58 -1.72
CA GLU A 328 -1.15 -9.29 -2.10
C GLU A 328 -1.31 -10.55 -1.25
N GLY A 329 -2.49 -10.72 -0.66
CA GLY A 329 -2.84 -11.93 0.11
C GLY A 329 -2.47 -11.88 1.59
N ILE A 330 -1.59 -10.96 1.96
CA ILE A 330 -1.07 -10.96 3.31
C ILE A 330 -1.98 -10.30 4.34
N ALA A 331 -2.25 -11.03 5.42
CA ALA A 331 -3.01 -10.51 6.55
C ALA A 331 -2.07 -10.09 7.66
N HIS A 332 -2.63 -9.63 8.77
CA HIS A 332 -1.86 -9.13 9.92
C HIS A 332 -0.73 -10.07 10.31
N GLY A 333 0.51 -9.64 10.13
CA GLY A 333 1.66 -10.43 10.54
C GLY A 333 2.09 -11.55 9.60
N ASP A 334 1.38 -11.76 8.49
CA ASP A 334 1.66 -12.89 7.61
C ASP A 334 2.99 -12.78 6.90
N TYR A 335 3.64 -11.62 6.98
CA TYR A 335 4.90 -11.39 6.30
C TYR A 335 6.04 -12.05 7.07
N ALA A 336 5.74 -12.54 8.26
CA ALA A 336 6.77 -13.10 9.13
C ALA A 336 6.31 -14.42 9.75
N VAL A 337 5.60 -15.22 8.96
CA VAL A 337 5.03 -16.46 9.47
C VAL A 337 5.66 -17.67 8.76
N ASP A 338 6.04 -17.50 7.51
CA ASP A 338 6.70 -18.57 6.77
C ASP A 338 7.93 -18.03 6.06
N LEU A 339 9.10 -18.47 6.51
CA LEU A 339 10.34 -17.91 6.01
C LEU A 339 10.59 -18.28 4.56
N THR A 340 9.86 -19.26 4.05
CA THR A 340 10.03 -19.65 2.63
C THR A 340 9.17 -18.83 1.66
N ALA A 341 8.25 -18.02 2.17
CA ALA A 341 7.40 -17.24 1.26
C ALA A 341 8.27 -16.24 0.50
N PRO A 342 8.14 -16.22 -0.83
CA PRO A 342 8.86 -15.14 -1.52
C PRO A 342 8.54 -13.76 -0.96
N GLU A 343 7.32 -13.54 -0.49
CA GLU A 343 6.94 -12.23 0.07
C GLU A 343 7.83 -11.87 1.25
N THR A 344 8.01 -12.84 2.13
CA THR A 344 8.83 -12.69 3.31
C THR A 344 10.30 -12.52 2.98
N GLN A 345 10.79 -13.33 2.05
CA GLN A 345 12.19 -13.21 1.65
CA GLN A 345 12.19 -13.22 1.63
C GLN A 345 12.45 -11.85 1.03
N HIS A 346 11.51 -11.37 0.23
CA HIS A 346 11.66 -10.06 -0.39
C HIS A 346 11.59 -8.97 0.68
N ALA A 347 10.56 -9.05 1.52
CA ALA A 347 10.32 -8.02 2.51
C ALA A 347 11.58 -7.76 3.35
N PHE A 348 12.21 -8.83 3.80
CA PHE A 348 13.33 -8.67 4.71
C PHE A 348 14.65 -8.42 3.98
N ALA A 349 14.73 -8.85 2.73
CA ALA A 349 15.82 -8.36 1.88
C ALA A 349 15.71 -6.83 1.72
N GLU A 350 14.49 -6.32 1.52
CA GLU A 350 14.27 -4.88 1.48
C GLU A 350 14.62 -4.23 2.82
N LEU A 351 14.23 -4.87 3.93
CA LEU A 351 14.55 -4.32 5.25
C LEU A 351 16.06 -4.22 5.36
N ASN A 352 16.74 -5.30 4.99
CA ASN A 352 18.19 -5.31 5.02
C ASN A 352 18.78 -4.14 4.26
N ALA A 353 18.29 -3.92 3.05
CA ALA A 353 18.77 -2.81 2.23
C ALA A 353 18.47 -1.48 2.91
N PHE A 354 17.34 -1.43 3.60
CA PHE A 354 16.88 -0.22 4.26
C PHE A 354 17.79 0.09 5.45
N LEU A 355 18.15 -0.94 6.20
CA LEU A 355 19.08 -0.79 7.33
C LEU A 355 20.48 -0.40 6.85
N LEU A 356 20.93 -1.00 5.75
CA LEU A 356 22.23 -0.62 5.19
C LEU A 356 22.24 0.84 4.77
N GLN A 357 21.12 1.33 4.26
CA GLN A 357 21.08 2.72 3.82
C GLN A 357 21.01 3.73 4.96
N HIS A 358 20.25 3.42 6.00
CA HIS A 358 19.95 4.43 7.00
C HIS A 358 20.75 4.36 8.30
N LEU A 359 21.22 3.17 8.68
CA LEU A 359 21.99 3.05 9.91
C LEU A 359 23.42 3.45 9.62
N ARG A 360 24.04 4.18 10.55
CA ARG A 360 25.44 4.55 10.40
C ARG A 360 26.10 4.78 11.75
N GLU B 34 -13.49 -23.52 -5.14
CA GLU B 34 -14.31 -23.60 -3.94
C GLU B 34 -13.47 -23.62 -2.66
N ASN B 35 -12.15 -23.49 -2.81
CA ASN B 35 -11.29 -23.24 -1.66
C ASN B 35 -11.39 -21.76 -1.25
N SER B 36 -12.46 -21.13 -1.69
CA SER B 36 -12.69 -19.72 -1.49
C SER B 36 -13.38 -19.49 -0.17
N TRP B 37 -13.23 -18.28 0.38
CA TRP B 37 -13.94 -17.90 1.58
C TRP B 37 -15.23 -17.17 1.23
N GLN B 38 -16.31 -17.51 1.93
CA GLN B 38 -17.53 -16.74 1.80
C GLN B 38 -17.54 -15.72 2.90
N ILE B 39 -17.54 -14.45 2.53
CA ILE B 39 -17.52 -13.37 3.50
C ILE B 39 -18.92 -12.84 3.68
N GLY B 40 -19.34 -12.71 4.93
CA GLY B 40 -20.67 -12.18 5.23
C GLY B 40 -20.77 -10.71 4.89
N PRO B 41 -22.00 -10.17 4.89
CA PRO B 41 -22.18 -8.75 4.60
C PRO B 41 -21.37 -7.91 5.57
N ARG B 42 -21.03 -6.70 5.15
CA ARG B 42 -20.24 -5.84 6.00
C ARG B 42 -20.81 -4.44 5.97
N THR B 43 -20.53 -3.67 7.01
CA THR B 43 -20.91 -2.28 7.06
C THR B 43 -19.65 -1.46 6.96
N LEU B 44 -19.65 -0.49 6.05
CA LEU B 44 -18.47 0.32 5.81
C LEU B 44 -18.77 1.79 6.03
N PRO B 45 -18.38 2.30 7.20
CA PRO B 45 -18.59 3.73 7.47
C PRO B 45 -17.61 4.59 6.69
N ALA B 46 -17.97 5.85 6.47
CA ALA B 46 -17.06 6.81 5.89
C ALA B 46 -15.78 6.80 6.74
N PRO B 47 -14.62 7.02 6.10
CA PRO B 47 -13.37 6.85 6.85
C PRO B 47 -12.93 8.13 7.59
N SER B 48 -13.09 8.15 8.90
CA SER B 48 -12.65 9.29 9.70
C SER B 48 -11.16 9.49 9.60
N GLY B 49 -10.45 8.47 9.13
CA GLY B 49 -9.01 8.59 9.02
C GLY B 49 -8.58 9.38 7.80
N ALA B 50 -9.49 9.50 6.83
CA ALA B 50 -9.22 10.31 5.65
C ALA B 50 -9.34 11.80 5.97
N SER B 51 -8.95 12.64 5.02
CA SER B 51 -9.13 14.08 5.15
C SER B 51 -10.62 14.37 5.23
N ASP B 52 -10.96 15.51 5.82
CA ASP B 52 -12.35 15.96 5.82
C ASP B 52 -12.90 16.01 4.41
N VAL B 53 -12.12 16.52 3.47
CA VAL B 53 -12.58 16.61 2.09
C VAL B 53 -12.99 15.21 1.59
N LEU B 54 -12.10 14.23 1.72
CA LEU B 54 -12.40 12.90 1.20
C LEU B 54 -13.51 12.23 1.99
N TYR B 55 -13.51 12.44 3.30
CA TYR B 55 -14.56 11.92 4.17
C TYR B 55 -15.94 12.43 3.72
N ASN B 56 -16.04 13.72 3.44
CA ASN B 56 -17.31 14.28 2.96
C ASN B 56 -17.68 13.74 1.57
N ILE B 57 -16.69 13.57 0.70
CA ILE B 57 -16.96 13.00 -0.61
C ILE B 57 -17.54 11.60 -0.46
N ILE B 58 -16.87 10.77 0.32
CA ILE B 58 -17.33 9.40 0.53
C ILE B 58 -18.67 9.39 1.23
N SER B 59 -18.78 10.21 2.27
CA SER B 59 -19.99 10.27 3.07
C SER B 59 -21.22 10.67 2.23
N LYS B 60 -21.00 11.43 1.17
CA LYS B 60 -22.08 11.85 0.28
C LYS B 60 -22.28 10.91 -0.90
N THR B 61 -21.43 9.89 -1.01
CA THR B 61 -21.53 8.92 -2.08
C THR B 61 -22.50 7.83 -1.62
N PRO B 62 -23.52 7.53 -2.45
CA PRO B 62 -24.45 6.46 -2.09
C PRO B 62 -23.76 5.11 -2.16
N THR B 63 -24.22 4.13 -1.39
CA THR B 63 -23.69 2.79 -1.50
C THR B 63 -23.55 2.39 -2.96
N PRO B 64 -22.35 1.98 -3.37
CA PRO B 64 -22.19 1.61 -4.78
C PRO B 64 -23.17 0.51 -5.14
N VAL B 65 -23.65 0.54 -6.39
CA VAL B 65 -24.65 -0.44 -6.85
C VAL B 65 -24.10 -1.27 -8.01
N PRO B 66 -23.70 -2.52 -7.73
CA PRO B 66 -23.06 -3.37 -8.76
C PRO B 66 -23.94 -3.60 -9.98
N THR B 67 -25.20 -3.96 -9.77
CA THR B 67 -26.12 -4.31 -10.86
C THR B 67 -25.99 -3.43 -12.12
N ILE B 68 -25.82 -2.13 -11.96
CA ILE B 68 -25.61 -1.25 -13.13
C ILE B 68 -24.48 -1.73 -14.04
N ASN B 69 -23.28 -1.86 -13.47
CA ASN B 69 -22.14 -2.31 -14.26
C ASN B 69 -22.30 -3.78 -14.67
N LEU B 70 -23.08 -4.53 -13.90
CA LEU B 70 -23.43 -5.91 -14.23
C LEU B 70 -24.33 -5.99 -15.46
N ASN B 71 -25.13 -4.95 -15.66
CA ASN B 71 -26.08 -4.94 -16.76
C ASN B 71 -25.59 -4.18 -17.98
N LEU B 72 -24.53 -3.39 -17.79
CA LEU B 72 -23.93 -2.65 -18.89
C LEU B 72 -22.94 -3.54 -19.63
N VAL B 73 -23.43 -4.29 -20.59
CA VAL B 73 -22.62 -5.26 -21.28
C VAL B 73 -22.87 -5.16 -22.78
N PRO B 74 -22.27 -4.16 -23.42
CA PRO B 74 -22.37 -3.97 -24.87
C PRO B 74 -21.86 -5.22 -25.58
N ARG B 75 -22.54 -5.63 -26.63
CA ARG B 75 -22.09 -6.75 -27.45
C ARG B 75 -21.74 -6.27 -28.85
N THR B 76 -22.48 -5.28 -29.34
CA THR B 76 -22.27 -4.78 -30.69
C THR B 76 -21.48 -3.50 -30.66
N GLU B 77 -20.86 -3.17 -31.79
CA GLU B 77 -20.12 -1.95 -31.91
C GLU B 77 -21.02 -0.76 -31.59
N SER B 78 -22.26 -0.80 -32.08
CA SER B 78 -23.21 0.28 -31.80
C SER B 78 -23.47 0.42 -30.31
N GLU B 79 -23.66 -0.71 -29.63
CA GLU B 79 -23.87 -0.69 -28.18
C GLU B 79 -22.63 -0.17 -27.46
N TRP B 80 -21.43 -0.55 -27.92
CA TRP B 80 -20.21 0.02 -27.36
C TRP B 80 -20.20 1.54 -27.50
N ARG B 81 -20.41 2.04 -28.70
CA ARG B 81 -20.41 3.49 -28.93
CA ARG B 81 -20.40 3.48 -28.91
C ARG B 81 -21.37 4.20 -27.98
N ALA B 82 -22.55 3.62 -27.78
CA ALA B 82 -23.53 4.19 -26.86
C ALA B 82 -23.08 4.12 -25.40
N ALA B 83 -22.58 2.96 -24.98
CA ALA B 83 -22.09 2.81 -23.61
C ALA B 83 -20.97 3.83 -23.34
N ILE B 84 -20.05 3.94 -24.29
CA ILE B 84 -18.88 4.80 -24.15
C ILE B 84 -19.30 6.26 -24.02
N THR B 85 -20.13 6.71 -24.96
CA THR B 85 -20.70 8.04 -24.90
C THR B 85 -21.36 8.31 -23.54
N GLN B 86 -22.15 7.34 -23.08
CA GLN B 86 -22.85 7.50 -21.80
C GLN B 86 -21.86 7.69 -20.66
N LEU B 87 -20.84 6.82 -20.60
CA LEU B 87 -19.86 6.90 -19.53
C LEU B 87 -18.95 8.13 -19.60
N ASP B 88 -18.72 8.64 -20.81
CA ASP B 88 -17.85 9.80 -20.99
C ASP B 88 -18.58 11.12 -20.74
N GLU B 89 -19.91 11.02 -20.62
CA GLU B 89 -20.75 12.21 -20.46
C GLU B 89 -20.21 13.15 -19.40
N GLY B 90 -20.07 14.42 -19.77
CA GLY B 90 -19.70 15.45 -18.82
C GLY B 90 -18.21 15.58 -18.52
N LYS B 91 -17.41 14.64 -19.01
CA LYS B 91 -15.98 14.64 -18.73
C LYS B 91 -15.30 15.87 -19.33
N VAL B 92 -15.61 16.19 -20.58
CA VAL B 92 -15.01 17.35 -21.20
C VAL B 92 -15.37 18.61 -20.41
N ASP B 93 -16.62 18.72 -19.98
CA ASP B 93 -17.06 19.88 -19.20
C ASP B 93 -16.26 20.01 -17.91
N MET B 94 -16.03 18.90 -17.20
CA MET B 94 -15.21 18.95 -15.99
C MET B 94 -13.78 19.36 -16.33
N ALA B 95 -13.23 18.77 -17.40
CA ALA B 95 -11.87 19.10 -17.79
C ALA B 95 -11.76 20.60 -18.02
N ARG B 96 -12.66 21.14 -18.83
CA ARG B 96 -12.61 22.56 -19.14
C ARG B 96 -12.81 23.42 -17.91
N GLU B 97 -13.67 22.98 -16.99
CA GLU B 97 -13.93 23.75 -15.80
C GLU B 97 -12.69 23.85 -14.91
N ILE B 98 -12.05 22.71 -14.66
CA ILE B 98 -10.83 22.71 -13.87
C ILE B 98 -9.79 23.57 -14.57
N SER B 99 -9.68 23.42 -15.90
CA SER B 99 -8.69 24.14 -16.68
C SER B 99 -8.83 25.64 -16.45
N LYS B 100 -10.04 26.15 -16.64
CA LYS B 100 -10.30 27.58 -16.46
C LYS B 100 -9.96 27.97 -15.04
N GLN B 101 -10.50 27.22 -14.08
CA GLN B 101 -10.33 27.56 -12.68
C GLN B 101 -8.87 27.63 -12.29
N LEU B 102 -8.05 26.75 -12.84
CA LEU B 102 -6.65 26.68 -12.45
C LEU B 102 -5.70 27.35 -13.43
N SER B 103 -6.26 27.98 -14.46
CA SER B 103 -5.44 28.64 -15.47
C SER B 103 -4.50 27.63 -16.13
N VAL B 104 -5.04 26.49 -16.53
CA VAL B 104 -4.25 25.51 -17.23
C VAL B 104 -4.60 25.58 -18.70
N SER B 105 -3.60 25.72 -19.55
CA SER B 105 -3.84 25.74 -20.97
C SER B 105 -3.95 24.30 -21.47
N VAL B 106 -5.03 23.99 -22.18
CA VAL B 106 -5.19 22.68 -22.79
C VAL B 106 -5.38 22.83 -24.29
N GLU B 107 -4.40 22.40 -25.07
CA GLU B 107 -4.43 22.65 -26.52
C GLU B 107 -4.29 21.37 -27.33
N HIS B 108 -5.26 21.10 -28.19
CA HIS B 108 -5.21 19.93 -29.06
C HIS B 108 -4.14 20.10 -30.13
N GLY B 109 -3.54 18.99 -30.52
CA GLY B 109 -2.63 19.00 -31.64
C GLY B 109 -2.49 17.59 -32.16
N VAL B 110 -1.61 17.40 -33.13
CA VAL B 110 -1.36 16.07 -33.67
C VAL B 110 0.14 15.85 -33.79
N ILE B 111 0.59 14.68 -33.37
CA ILE B 111 2.00 14.34 -33.49
C ILE B 111 2.08 13.07 -34.32
N GLU B 112 2.67 13.18 -35.50
CA GLU B 112 2.76 12.01 -36.38
C GLU B 112 1.42 11.30 -36.52
N GLY B 113 0.36 12.07 -36.67
CA GLY B 113 -0.94 11.49 -36.92
C GLY B 113 -1.69 11.15 -35.65
N VAL B 114 -1.02 11.25 -34.51
CA VAL B 114 -1.63 10.92 -33.22
C VAL B 114 -2.21 12.16 -32.53
N SER B 115 -3.47 12.07 -32.16
CA SER B 115 -4.13 13.12 -31.40
C SER B 115 -3.44 13.29 -30.03
N VAL B 116 -3.10 14.53 -29.68
CA VAL B 116 -2.50 14.81 -28.37
C VAL B 116 -3.05 16.10 -27.79
N TYR B 117 -2.88 16.28 -26.48
CA TYR B 117 -3.23 17.54 -25.85
C TYR B 117 -2.04 18.05 -25.10
N TYR B 118 -1.64 19.29 -25.41
CA TYR B 118 -0.57 19.96 -24.71
C TYR B 118 -1.22 20.63 -23.53
N VAL B 119 -0.80 20.24 -22.33
CA VAL B 119 -1.39 20.70 -21.09
C VAL B 119 -0.32 21.49 -20.32
N THR B 120 -0.53 22.80 -20.22
CA THR B 120 0.49 23.68 -19.65
C THR B 120 -0.07 24.42 -18.44
N PRO B 121 0.51 24.15 -17.25
CA PRO B 121 0.08 24.75 -15.99
C PRO B 121 0.67 26.15 -15.86
N VAL B 122 0.09 27.04 -15.06
CA VAL B 122 0.64 28.39 -14.91
C VAL B 122 2.02 28.36 -14.28
N GLU B 123 2.26 27.37 -13.44
CA GLU B 123 3.52 27.29 -12.74
C GLU B 123 4.22 25.98 -13.04
N VAL B 124 5.39 26.07 -13.66
CA VAL B 124 6.24 24.91 -13.88
C VAL B 124 7.46 25.03 -12.98
N ALA B 125 7.77 23.96 -12.24
CA ALA B 125 8.90 23.97 -11.33
C ALA B 125 10.19 24.28 -12.07
N PRO B 126 11.01 25.18 -11.51
CA PRO B 126 12.27 25.56 -12.15
C PRO B 126 13.04 24.36 -12.74
N ASP B 127 13.25 23.33 -11.94
CA ASP B 127 14.04 22.19 -12.41
C ASP B 127 13.24 21.23 -13.29
N LEU B 128 11.95 21.52 -13.51
CA LEU B 128 11.13 20.75 -14.44
C LEU B 128 10.87 21.54 -15.73
N GLU B 129 11.51 22.68 -15.83
CA GLU B 129 11.33 23.56 -17.00
C GLU B 129 11.69 22.89 -18.33
N ASP B 130 12.76 22.08 -18.34
CA ASP B 130 13.12 21.39 -19.57
C ASP B 130 12.63 19.95 -19.58
N LYS B 131 11.65 19.65 -18.73
CA LYS B 131 11.16 18.28 -18.59
C LYS B 131 9.77 18.16 -19.19
N LEU B 132 9.34 16.94 -19.44
CA LEU B 132 8.01 16.71 -19.99
C LEU B 132 7.36 15.46 -19.39
N PHE B 133 6.09 15.59 -19.03
CA PHE B 133 5.33 14.45 -18.54
C PHE B 133 4.39 14.01 -19.64
N VAL B 134 4.65 12.84 -20.21
CA VAL B 134 3.76 12.31 -21.24
C VAL B 134 2.69 11.46 -20.58
N HIS B 135 1.44 11.87 -20.74
CA HIS B 135 0.35 11.28 -19.96
C HIS B 135 -0.50 10.34 -20.80
N THR B 136 -0.86 9.19 -20.25
CA THR B 136 -1.72 8.24 -20.93
C THR B 136 -2.94 8.04 -20.07
N HIS B 137 -4.09 8.53 -20.54
CA HIS B 137 -5.26 8.59 -19.68
C HIS B 137 -5.79 7.21 -19.27
N GLY B 138 -6.53 7.21 -18.17
CA GLY B 138 -7.18 6.02 -17.65
C GLY B 138 -8.53 5.77 -18.27
N GLY B 139 -9.40 5.10 -17.52
CA GLY B 139 -10.61 4.54 -18.10
C GLY B 139 -10.27 3.12 -18.50
N ALA B 140 -11.27 2.31 -18.70
CA ALA B 140 -11.02 0.95 -18.99
C ALA B 140 -10.95 0.74 -20.48
N PHE B 141 -9.87 1.17 -21.08
CA PHE B 141 -9.52 0.84 -22.44
C PHE B 141 -10.37 1.37 -23.60
N VAL B 142 -11.51 1.95 -23.31
CA VAL B 142 -12.39 2.47 -24.34
C VAL B 142 -12.91 3.87 -23.98
N LEU B 143 -12.69 4.27 -22.75
CA LEU B 143 -13.23 5.52 -22.21
C LEU B 143 -12.27 6.69 -22.27
N ASN B 144 -12.79 7.88 -22.06
CA ASN B 144 -11.98 9.09 -21.96
C ASN B 144 -11.23 9.47 -23.22
N GLY B 145 -11.80 9.14 -24.37
CA GLY B 145 -11.24 9.58 -25.64
C GLY B 145 -11.34 11.08 -25.77
N GLY B 146 -10.52 11.64 -26.63
CA GLY B 146 -10.55 13.08 -26.85
C GLY B 146 -10.24 13.91 -25.62
N GLU B 147 -10.88 15.05 -25.53
CA GLU B 147 -10.56 16.01 -24.50
C GLU B 147 -11.00 15.49 -23.13
N ALA B 148 -11.91 14.53 -23.13
CA ALA B 148 -12.37 13.93 -21.87
C ALA B 148 -11.19 13.34 -21.12
N GLY B 149 -10.15 12.93 -21.85
CA GLY B 149 -9.01 12.29 -21.23
C GLY B 149 -8.02 13.23 -20.53
N THR B 150 -8.24 14.53 -20.66
CA THR B 150 -7.29 15.50 -20.15
C THR B 150 -7.41 15.81 -18.66
N ILE B 151 -8.50 15.36 -18.03
CA ILE B 151 -8.69 15.63 -16.61
C ILE B 151 -7.48 15.30 -15.74
N GLU B 152 -7.02 14.06 -15.79
CA GLU B 152 -5.89 13.70 -14.95
C GLU B 152 -4.61 14.44 -15.36
N ALA B 153 -4.48 14.68 -16.67
CA ALA B 153 -3.36 15.44 -17.20
C ALA B 153 -3.32 16.84 -16.59
N ILE B 154 -4.49 17.46 -16.47
CA ILE B 154 -4.61 18.78 -15.87
C ILE B 154 -4.19 18.74 -14.39
N VAL B 155 -4.63 17.71 -13.68
CA VAL B 155 -4.28 17.58 -12.27
C VAL B 155 -2.78 17.42 -12.14
N ILE B 156 -2.22 16.51 -12.93
CA ILE B 156 -0.79 16.31 -12.88
C ILE B 156 -0.04 17.59 -13.24
N ALA B 157 -0.43 18.23 -14.34
CA ALA B 157 0.32 19.41 -14.78
C ALA B 157 0.36 20.43 -13.65
N THR B 158 -0.80 20.71 -13.09
CA THR B 158 -0.96 21.83 -12.17
C THR B 158 -0.35 21.54 -10.80
N LEU B 159 -0.57 20.33 -10.29
CA LEU B 159 -0.06 20.01 -8.96
C LEU B 159 1.38 19.52 -8.97
N ALA B 160 1.80 18.77 -9.99
CA ALA B 160 3.20 18.37 -10.04
C ALA B 160 4.04 19.47 -10.72
N LYS B 161 3.38 20.51 -11.21
CA LYS B 161 4.06 21.66 -11.79
C LYS B 161 5.01 21.28 -12.93
N VAL B 162 4.45 20.65 -13.95
CA VAL B 162 5.24 20.15 -15.05
C VAL B 162 4.35 20.24 -16.26
N ARG B 163 4.93 20.49 -17.44
CA ARG B 163 4.16 20.40 -18.67
C ARG B 163 3.78 18.97 -18.94
N VAL B 164 2.55 18.79 -19.41
CA VAL B 164 2.04 17.48 -19.73
C VAL B 164 1.66 17.44 -21.20
N LEU B 165 1.99 16.33 -21.84
CA LEU B 165 1.52 16.03 -23.19
C LEU B 165 0.68 14.78 -23.05
N SER B 166 -0.65 14.93 -23.18
CA SER B 166 -1.55 13.82 -22.99
C SER B 166 -1.86 13.18 -24.35
N ILE B 167 -1.68 11.88 -24.43
CA ILE B 167 -1.85 11.17 -25.69
C ILE B 167 -3.27 10.66 -25.87
N ASP B 168 -3.94 11.16 -26.89
CA ASP B 168 -5.29 10.76 -27.19
C ASP B 168 -5.24 9.58 -28.16
N TYR B 169 -4.86 8.41 -27.64
CA TYR B 169 -4.63 7.23 -28.44
C TYR B 169 -5.91 6.62 -28.98
N ARG B 170 -5.84 6.06 -30.18
CA ARG B 170 -7.00 5.39 -30.75
C ARG B 170 -7.39 4.19 -29.89
N MET B 171 -8.70 4.03 -29.66
CA MET B 171 -9.19 2.94 -28.81
C MET B 171 -10.24 2.08 -29.51
N PRO B 172 -10.44 0.85 -29.01
CA PRO B 172 -11.59 0.05 -29.45
C PRO B 172 -12.85 0.80 -29.09
N PRO B 173 -13.97 0.50 -29.77
CA PRO B 173 -14.14 -0.56 -30.77
C PRO B 173 -13.69 -0.18 -32.18
N SER B 174 -13.63 1.11 -32.48
CA SER B 174 -13.26 1.57 -33.82
C SER B 174 -11.84 1.21 -34.19
N HIS B 175 -10.92 1.30 -33.22
CA HIS B 175 -9.52 0.98 -33.46
C HIS B 175 -9.03 -0.07 -32.51
N PRO B 176 -9.16 -1.35 -32.91
CA PRO B 176 -8.74 -2.47 -32.09
C PRO B 176 -7.29 -2.34 -31.67
N ALA B 177 -6.95 -2.91 -30.53
CA ALA B 177 -5.55 -3.02 -30.15
C ALA B 177 -4.87 -3.69 -31.34
N PRO B 178 -3.59 -3.37 -31.59
CA PRO B 178 -2.74 -2.49 -30.76
C PRO B 178 -2.68 -1.06 -31.29
N ALA B 179 -3.77 -0.51 -31.82
CA ALA B 179 -3.74 0.88 -32.25
C ALA B 179 -3.27 1.85 -31.14
N ALA B 180 -3.76 1.67 -29.92
CA ALA B 180 -3.39 2.56 -28.81
C ALA B 180 -1.91 2.41 -28.51
N ARG B 181 -1.45 1.17 -28.42
CA ARG B 181 -0.05 0.86 -28.21
CA ARG B 181 -0.04 0.88 -28.20
C ARG B 181 0.78 1.58 -29.26
N ASP B 182 0.41 1.41 -30.52
CA ASP B 182 1.12 2.04 -31.62
C ASP B 182 1.19 3.55 -31.49
N ASP B 183 0.05 4.16 -31.17
CA ASP B 183 -0.01 5.62 -31.04
C ASP B 183 0.90 6.14 -29.96
N VAL B 184 0.92 5.48 -28.80
CA VAL B 184 1.79 5.90 -27.73
C VAL B 184 3.25 5.79 -28.15
N PHE B 185 3.58 4.69 -28.82
CA PHE B 185 4.95 4.49 -29.30
C PHE B 185 5.33 5.55 -30.34
N THR B 186 4.39 5.87 -31.23
CA THR B 186 4.62 6.85 -32.28
C THR B 186 4.99 8.19 -31.66
N VAL B 187 4.20 8.61 -30.68
CA VAL B 187 4.49 9.88 -30.02
C VAL B 187 5.81 9.83 -29.25
N TYR B 188 6.05 8.73 -28.55
CA TYR B 188 7.28 8.60 -27.78
C TYR B 188 8.52 8.68 -28.68
N GLN B 189 8.51 7.89 -29.76
CA GLN B 189 9.58 7.88 -30.75
C GLN B 189 9.82 9.28 -31.30
N HIS B 190 8.75 9.98 -31.63
CA HIS B 190 8.90 11.36 -32.10
C HIS B 190 9.60 12.23 -31.08
N LEU B 191 9.24 12.07 -29.81
CA LEU B 191 9.82 12.87 -28.76
C LEU B 191 11.31 12.63 -28.61
N LEU B 192 11.74 11.37 -28.78
CA LEU B 192 13.15 11.05 -28.66
C LEU B 192 13.99 11.68 -29.78
N LYS B 193 13.35 11.96 -30.92
CA LYS B 193 14.02 12.70 -31.99
C LYS B 193 14.31 14.14 -31.55
N GLN B 194 13.53 14.65 -30.60
CA GLN B 194 13.62 16.07 -30.22
C GLN B 194 14.48 16.32 -28.98
N GLY B 195 14.72 15.28 -28.20
CA GLY B 195 15.40 15.46 -26.92
C GLY B 195 15.61 14.17 -26.16
N SER B 196 16.22 14.29 -24.98
CA SER B 196 16.59 13.14 -24.18
C SER B 196 15.38 12.49 -23.49
N ALA B 197 15.31 11.17 -23.55
CA ALA B 197 14.25 10.43 -22.87
C ALA B 197 14.35 10.64 -21.35
N GLN B 198 15.54 10.96 -20.87
CA GLN B 198 15.76 11.11 -19.44
C GLN B 198 15.01 12.31 -18.87
N LYS B 199 14.63 13.23 -19.74
CA LYS B 199 13.90 14.42 -19.35
C LYS B 199 12.39 14.18 -19.36
N ILE B 200 12.01 12.95 -19.70
CA ILE B 200 10.61 12.62 -19.90
C ILE B 200 10.10 11.68 -18.81
N ALA B 201 8.95 12.03 -18.22
CA ALA B 201 8.23 11.07 -17.40
C ALA B 201 7.04 10.57 -18.20
N LEU B 202 6.64 9.35 -17.96
CA LEU B 202 5.58 8.76 -18.73
C LEU B 202 4.59 8.09 -17.80
N GLY B 203 3.31 8.33 -17.97
CA GLY B 203 2.37 7.48 -17.29
C GLY B 203 0.99 8.03 -17.18
N GLY B 204 0.22 7.40 -16.30
CA GLY B 204 -1.17 7.73 -16.13
C GLY B 204 -1.80 6.61 -15.34
N SER B 205 -3.05 6.30 -15.64
CA SER B 205 -3.81 5.43 -14.77
C SER B 205 -4.56 4.37 -15.56
N SER B 206 -5.02 3.35 -14.85
CA SER B 206 -5.87 2.33 -15.43
C SER B 206 -5.37 1.86 -16.79
N GLY B 207 -6.23 1.98 -17.80
CA GLY B 207 -5.89 1.52 -19.14
C GLY B 207 -4.64 2.15 -19.71
N GLY B 208 -4.45 3.45 -19.46
CA GLY B 208 -3.29 4.17 -19.97
C GLY B 208 -2.02 3.69 -19.28
N ALA B 209 -2.12 3.42 -17.98
CA ALA B 209 -1.02 2.85 -17.21
C ALA B 209 -0.65 1.51 -17.81
N ASN B 210 -1.67 0.76 -18.22
CA ASN B 210 -1.48 -0.51 -18.92
C ASN B 210 -0.64 -0.30 -20.18
N LEU B 211 -1.02 0.65 -21.02
CA LEU B 211 -0.24 0.97 -22.22
C LEU B 211 1.16 1.40 -21.86
N THR B 212 1.28 2.17 -20.78
CA THR B 212 2.60 2.64 -20.35
C THR B 212 3.50 1.45 -20.02
N MET B 213 3.01 0.55 -19.20
CA MET B 213 3.79 -0.63 -18.83
C MET B 213 4.16 -1.41 -20.09
N GLY B 214 3.18 -1.67 -20.94
CA GLY B 214 3.44 -2.40 -22.18
C GLY B 214 4.45 -1.69 -23.07
N LEU B 215 4.34 -0.37 -23.19
CA LEU B 215 5.30 0.37 -23.99
C LEU B 215 6.72 0.24 -23.44
N VAL B 216 6.89 0.43 -22.13
CA VAL B 216 8.22 0.38 -21.57
C VAL B 216 8.85 -1.00 -21.78
N GLN B 217 8.05 -2.04 -21.68
CA GLN B 217 8.54 -3.39 -21.94
C GLN B 217 9.05 -3.53 -23.37
N HIS B 218 8.28 -3.00 -24.31
CA HIS B 218 8.67 -2.93 -25.73
C HIS B 218 9.99 -2.17 -25.89
N LEU B 219 10.04 -0.96 -25.34
CA LEU B 219 11.26 -0.15 -25.40
C LEU B 219 12.49 -0.90 -24.91
N ILE B 220 12.32 -1.61 -23.80
CA ILE B 220 13.44 -2.33 -23.21
C ILE B 220 13.90 -3.44 -24.13
N GLU B 221 12.94 -4.17 -24.71
CA GLU B 221 13.23 -5.24 -25.66
C GLU B 221 14.03 -4.70 -26.85
N GLN B 222 13.58 -3.55 -27.34
CA GLN B 222 14.13 -2.92 -28.53
C GLN B 222 15.36 -2.07 -28.23
N GLU B 223 15.75 -2.03 -26.96
CA GLU B 223 16.91 -1.24 -26.53
C GLU B 223 16.77 0.25 -26.84
N VAL B 224 15.53 0.75 -26.83
CA VAL B 224 15.31 2.18 -26.96
C VAL B 224 15.47 2.90 -25.61
N ASP B 225 15.95 4.14 -25.65
CA ASP B 225 16.08 4.94 -24.44
C ASP B 225 14.75 5.03 -23.66
N LEU B 226 14.80 4.87 -22.34
CA LEU B 226 13.59 4.85 -21.53
C LEU B 226 13.31 6.19 -20.88
N PRO B 227 12.05 6.43 -20.50
CA PRO B 227 11.72 7.65 -19.75
C PRO B 227 12.54 7.72 -18.46
N GLY B 228 12.75 8.92 -17.95
CA GLY B 228 13.44 9.09 -16.67
C GLY B 228 12.62 8.64 -15.47
N ALA B 229 11.31 8.51 -15.64
CA ALA B 229 10.44 8.16 -14.52
C ALA B 229 9.07 7.72 -15.05
N LEU B 230 8.39 6.85 -14.31
CA LEU B 230 7.05 6.42 -14.69
C LEU B 230 6.08 6.76 -13.58
N PHE B 231 4.84 7.04 -13.96
CA PHE B 231 3.74 7.23 -13.02
C PHE B 231 2.68 6.20 -13.34
N LEU B 232 2.38 5.35 -12.36
CA LEU B 232 1.32 4.36 -12.53
C LEU B 232 0.27 4.53 -11.45
N GLY B 233 -0.77 5.28 -11.75
CA GLY B 233 -1.88 5.43 -10.82
C GLY B 233 -2.87 4.33 -11.10
N THR B 234 -3.29 3.64 -10.04
CA THR B 234 -4.26 2.57 -10.14
C THR B 234 -4.21 1.75 -11.45
N PRO B 235 -3.01 1.32 -11.81
CA PRO B 235 -2.78 0.69 -13.12
C PRO B 235 -3.62 -0.54 -13.45
N GLY B 236 -4.07 -0.64 -14.69
CA GLY B 236 -4.78 -1.83 -15.13
C GLY B 236 -3.74 -2.89 -15.46
N ALA B 237 -2.94 -3.28 -14.47
CA ALA B 237 -1.75 -4.10 -14.72
C ALA B 237 -2.09 -5.56 -14.93
N ASP B 238 -3.13 -6.02 -14.25
CA ASP B 238 -3.64 -7.38 -14.48
C ASP B 238 -5.14 -7.28 -14.65
N MET B 239 -5.60 -7.49 -15.89
CA MET B 239 -7.03 -7.35 -16.19
C MET B 239 -7.77 -8.69 -16.23
N SER B 240 -7.10 -9.79 -15.92
CA SER B 240 -7.83 -11.01 -15.58
C SER B 240 -8.40 -10.74 -14.22
N LYS B 241 -9.40 -11.52 -13.79
CA LYS B 241 -9.98 -11.29 -12.48
C LYS B 241 -9.10 -11.93 -11.43
N THR B 242 -7.87 -11.44 -11.37
CA THR B 242 -6.91 -11.92 -10.41
C THR B 242 -6.46 -10.74 -9.55
N GLY B 243 -6.66 -10.88 -8.25
CA GLY B 243 -6.29 -9.84 -7.31
C GLY B 243 -7.33 -9.75 -6.22
N ASP B 244 -6.89 -9.88 -4.97
CA ASP B 244 -7.80 -9.78 -3.82
C ASP B 244 -8.79 -8.62 -3.98
N SER B 245 -8.31 -7.47 -4.44
CA SER B 245 -9.17 -6.30 -4.39
C SER B 245 -10.37 -6.41 -5.33
N TYR B 246 -10.25 -7.19 -6.38
CA TYR B 246 -11.40 -7.41 -7.27
C TYR B 246 -12.54 -8.03 -6.46
N TYR B 247 -12.19 -8.84 -5.48
CA TYR B 247 -13.18 -9.55 -4.68
C TYR B 247 -13.50 -8.82 -3.38
N ILE B 248 -12.46 -8.39 -2.68
CA ILE B 248 -12.65 -7.69 -1.41
C ILE B 248 -13.36 -6.35 -1.61
N ASN B 249 -12.97 -5.62 -2.65
CA ASN B 249 -13.52 -4.28 -2.85
C ASN B 249 -14.68 -4.24 -3.84
N ASP B 250 -15.16 -5.42 -4.22
CA ASP B 250 -16.33 -5.52 -5.06
C ASP B 250 -17.51 -4.87 -4.32
N GLY B 251 -18.08 -3.82 -4.89
CA GLY B 251 -19.14 -3.08 -4.24
C GLY B 251 -18.59 -2.00 -3.31
N ILE B 252 -17.27 -1.89 -3.22
CA ILE B 252 -16.64 -0.92 -2.33
C ILE B 252 -15.91 0.19 -3.09
N ASP B 253 -15.53 -0.09 -4.34
CA ASP B 253 -14.94 0.92 -5.19
C ASP B 253 -16.10 1.67 -5.86
N ARG B 254 -16.31 2.91 -5.47
CA ARG B 254 -17.47 3.67 -5.93
C ARG B 254 -17.41 4.02 -7.41
N ASN B 255 -16.25 3.86 -7.99
CA ASN B 255 -16.05 4.17 -9.38
C ASN B 255 -16.15 2.98 -10.31
N LEU B 256 -15.32 1.97 -10.12
CA LEU B 256 -15.39 0.78 -10.92
C LEU B 256 -16.51 -0.15 -10.46
N VAL B 257 -16.80 -0.10 -9.17
CA VAL B 257 -17.78 -0.92 -8.48
C VAL B 257 -17.51 -2.41 -8.50
N THR B 258 -17.33 -2.96 -9.67
CA THR B 258 -17.17 -4.38 -9.86
C THR B 258 -16.48 -4.73 -11.15
N TYR B 259 -15.77 -5.83 -11.16
CA TYR B 259 -15.15 -6.32 -12.35
C TYR B 259 -16.18 -6.88 -13.31
N ASP B 260 -17.22 -7.49 -12.78
CA ASP B 260 -18.19 -8.21 -13.58
C ASP B 260 -19.02 -7.28 -14.42
N GLY B 261 -19.41 -7.72 -15.62
CA GLY B 261 -20.23 -6.90 -16.48
C GLY B 261 -19.38 -6.02 -17.37
N PHE B 262 -19.51 -4.71 -17.21
CA PHE B 262 -18.85 -3.75 -18.09
C PHE B 262 -17.33 -3.88 -18.14
N LEU B 263 -16.69 -3.88 -16.99
CA LEU B 263 -15.23 -3.89 -16.97
C LEU B 263 -14.69 -5.14 -17.66
N GLU B 264 -15.25 -6.29 -17.35
CA GLU B 264 -14.80 -7.50 -18.03
C GLU B 264 -15.02 -7.39 -19.55
N ALA B 265 -16.18 -6.86 -19.93
CA ALA B 265 -16.51 -6.72 -21.35
C ALA B 265 -15.48 -5.84 -22.01
N ALA B 266 -15.12 -4.75 -21.34
CA ALA B 266 -14.15 -3.80 -21.86
C ALA B 266 -12.76 -4.42 -21.97
N VAL B 267 -12.41 -5.22 -20.97
CA VAL B 267 -11.12 -5.91 -20.96
C VAL B 267 -11.08 -6.88 -22.15
N ARG B 268 -12.17 -7.61 -22.34
CA ARG B 268 -12.20 -8.60 -23.42
C ARG B 268 -12.18 -7.92 -24.79
N LEU B 269 -12.84 -6.77 -24.91
CA LEU B 269 -12.76 -6.04 -26.17
C LEU B 269 -11.32 -5.63 -26.44
N TYR B 270 -10.66 -5.11 -25.41
CA TYR B 270 -9.25 -4.71 -25.47
C TYR B 270 -8.35 -5.90 -25.85
N ALA B 271 -8.55 -7.02 -25.16
CA ALA B 271 -7.80 -8.25 -25.38
C ALA B 271 -7.93 -8.78 -26.81
N ASN B 272 -9.11 -8.60 -27.40
CA ASN B 272 -9.30 -8.94 -28.81
C ASN B 272 -8.90 -10.40 -29.07
N GLY B 273 -9.34 -11.30 -28.21
CA GLY B 273 -9.07 -12.71 -28.35
C GLY B 273 -7.81 -13.21 -27.66
N ARG B 274 -6.98 -12.31 -27.13
CA ARG B 274 -5.81 -12.74 -26.35
C ARG B 274 -6.25 -13.25 -24.99
N ASP B 275 -5.48 -14.16 -24.41
CA ASP B 275 -5.73 -14.58 -23.04
C ASP B 275 -5.57 -13.38 -22.12
N LEU B 276 -6.35 -13.31 -21.06
CA LEU B 276 -6.33 -12.10 -20.22
C LEU B 276 -5.05 -11.99 -19.41
N LYS B 277 -4.31 -13.08 -19.27
CA LYS B 277 -3.00 -13.03 -18.61
C LYS B 277 -1.84 -12.91 -19.57
N ASP B 278 -2.16 -12.79 -20.87
CA ASP B 278 -1.16 -12.46 -21.87
C ASP B 278 -0.53 -11.12 -21.47
N PRO B 279 0.82 -11.04 -21.41
CA PRO B 279 1.45 -9.80 -20.93
C PRO B 279 1.12 -8.60 -21.81
N LEU B 280 0.69 -8.84 -23.04
CA LEU B 280 0.32 -7.72 -23.90
C LEU B 280 -1.02 -7.15 -23.44
N VAL B 281 -1.81 -7.97 -22.76
CA VAL B 281 -3.09 -7.53 -22.19
C VAL B 281 -2.94 -7.09 -20.73
N SER B 282 -2.11 -7.83 -19.99
CA SER B 282 -1.92 -7.60 -18.55
C SER B 282 -0.44 -7.58 -18.31
N PRO B 283 0.18 -6.41 -18.48
CA PRO B 283 1.64 -6.26 -18.51
C PRO B 283 2.32 -6.67 -17.20
N LEU B 284 1.57 -6.79 -16.12
CA LEU B 284 2.12 -7.28 -14.85
C LEU B 284 2.81 -8.62 -15.05
N TYR B 285 2.26 -9.43 -15.95
CA TYR B 285 2.82 -10.75 -16.25
C TYR B 285 4.09 -10.70 -17.07
N GLY B 286 4.39 -9.53 -17.62
CA GLY B 286 5.61 -9.40 -18.38
C GLY B 286 6.79 -9.09 -17.47
N ASP B 287 7.95 -8.96 -18.08
CA ASP B 287 9.18 -8.66 -17.37
C ASP B 287 9.21 -7.18 -16.99
N LEU B 288 9.55 -6.89 -15.74
CA LEU B 288 9.64 -5.51 -15.28
C LEU B 288 11.07 -5.10 -14.94
N HIS B 289 12.03 -5.99 -15.17
CA HIS B 289 13.43 -5.60 -14.98
C HIS B 289 13.79 -4.47 -15.92
N GLY B 290 14.62 -3.54 -15.45
CA GLY B 290 15.05 -2.44 -16.29
C GLY B 290 14.10 -1.26 -16.33
N PHE B 291 12.96 -1.37 -15.64
CA PHE B 291 12.03 -0.24 -15.60
C PHE B 291 12.66 0.99 -14.95
N PRO B 292 12.31 2.19 -15.44
CA PRO B 292 12.74 3.44 -14.81
C PRO B 292 12.11 3.51 -13.42
N PRO B 293 12.57 4.45 -12.57
CA PRO B 293 11.94 4.65 -11.26
C PRO B 293 10.45 4.90 -11.44
N THR B 294 9.64 4.26 -10.63
CA THR B 294 8.18 4.27 -10.81
C THR B 294 7.45 4.71 -9.54
N PHE B 295 6.44 5.55 -9.76
CA PHE B 295 5.64 6.13 -8.70
C PHE B 295 4.26 5.51 -8.86
N LEU B 296 3.76 4.88 -7.81
CA LEU B 296 2.44 4.23 -7.88
C LEU B 296 1.52 4.73 -6.79
N ILE B 297 0.25 4.81 -7.11
CA ILE B 297 -0.74 5.33 -6.17
C ILE B 297 -2.05 4.58 -6.31
N THR B 298 -2.67 4.31 -5.16
CA THR B 298 -3.93 3.60 -5.11
C THR B 298 -4.55 3.93 -3.74
N GLY B 299 -5.58 3.18 -3.33
CA GLY B 299 -6.21 3.43 -2.05
C GLY B 299 -6.89 2.20 -1.50
N THR B 300 -7.36 2.29 -0.25
CA THR B 300 -7.99 1.15 0.40
C THR B 300 -9.26 0.67 -0.28
N ARG B 301 -9.94 1.55 -1.02
CA ARG B 301 -11.20 1.15 -1.63
C ARG B 301 -11.08 0.87 -3.13
N ASP B 302 -9.85 0.87 -3.63
CA ASP B 302 -9.60 0.72 -5.05
C ASP B 302 -9.80 -0.73 -5.49
N LEU B 303 -10.61 -0.95 -6.52
CA LEU B 303 -10.79 -2.28 -7.09
C LEU B 303 -9.46 -2.78 -7.65
N LEU B 304 -8.60 -1.85 -8.03
CA LEU B 304 -7.28 -2.19 -8.56
C LEU B 304 -6.15 -2.00 -7.54
N LEU B 305 -6.50 -1.95 -6.26
CA LEU B 305 -5.51 -1.96 -5.20
C LEU B 305 -4.51 -3.11 -5.42
N SER B 306 -5.03 -4.31 -5.70
CA SER B 306 -4.16 -5.48 -5.88
C SER B 306 -3.27 -5.31 -7.11
N ALA B 307 -3.86 -4.92 -8.23
CA ALA B 307 -3.07 -4.63 -9.42
C ALA B 307 -1.90 -3.72 -9.08
N THR B 308 -2.18 -2.70 -8.27
CA THR B 308 -1.18 -1.69 -7.97
C THR B 308 -0.04 -2.24 -7.10
N VAL B 309 -0.42 -2.84 -5.97
CA VAL B 309 0.59 -3.31 -5.03
C VAL B 309 1.36 -4.50 -5.58
N ARG B 310 0.70 -5.32 -6.39
CA ARG B 310 1.40 -6.44 -7.03
C ARG B 310 2.42 -5.90 -8.01
N THR B 311 2.08 -4.81 -8.69
CA THR B 311 3.05 -4.20 -9.61
C THR B 311 4.20 -3.58 -8.83
N HIS B 312 3.86 -2.86 -7.76
CA HIS B 312 4.89 -2.26 -6.93
C HIS B 312 5.85 -3.34 -6.43
N ILE B 313 5.30 -4.44 -5.93
CA ILE B 313 6.16 -5.49 -5.38
C ILE B 313 7.00 -6.09 -6.49
N LYS B 314 6.38 -6.40 -7.63
CA LYS B 314 7.14 -7.01 -8.73
C LYS B 314 8.26 -6.08 -9.21
N LEU B 315 7.97 -4.78 -9.28
CA LEU B 315 9.01 -3.80 -9.62
C LEU B 315 10.17 -3.85 -8.62
N ARG B 316 9.84 -3.81 -7.33
CA ARG B 316 10.89 -3.84 -6.30
C ARG B 316 11.68 -5.13 -6.37
N GLN B 317 10.98 -6.24 -6.59
CA GLN B 317 11.65 -7.53 -6.71
C GLN B 317 12.53 -7.59 -7.95
N SER B 318 12.31 -6.67 -8.88
CA SER B 318 13.03 -6.66 -10.14
C SER B 318 14.10 -5.60 -10.13
N GLY B 319 14.41 -5.09 -8.94
CA GLY B 319 15.51 -4.16 -8.79
C GLY B 319 15.18 -2.76 -9.26
N VAL B 320 13.89 -2.44 -9.31
CA VAL B 320 13.47 -1.13 -9.80
C VAL B 320 13.15 -0.21 -8.63
N VAL B 321 13.48 1.06 -8.76
CA VAL B 321 13.06 2.03 -7.75
C VAL B 321 11.56 2.26 -7.93
N ALA B 322 10.79 1.91 -6.90
CA ALA B 322 9.33 2.07 -6.97
C ALA B 322 8.81 2.54 -5.64
N ASP B 323 8.08 3.66 -5.65
CA ASP B 323 7.50 4.22 -4.45
C ASP B 323 6.00 4.05 -4.48
N LEU B 324 5.46 3.44 -3.44
CA LEU B 324 4.03 3.21 -3.34
C LEU B 324 3.35 4.17 -2.37
N PHE B 325 2.18 4.68 -2.77
CA PHE B 325 1.31 5.46 -1.91
C PHE B 325 -0.08 4.89 -1.94
N VAL B 326 -0.59 4.55 -0.76
CA VAL B 326 -1.94 4.00 -0.61
C VAL B 326 -2.69 4.90 0.35
N TYR B 327 -3.76 5.50 -0.14
CA TYR B 327 -4.54 6.44 0.66
C TYR B 327 -5.79 5.78 1.23
N GLU B 328 -5.95 5.88 2.54
CA GLU B 328 -7.17 5.50 3.22
C GLU B 328 -8.39 6.15 2.57
N GLY B 329 -9.38 5.34 2.19
CA GLY B 329 -10.63 5.85 1.65
C GLY B 329 -10.65 5.96 0.13
N ILE B 330 -9.47 5.96 -0.48
CA ILE B 330 -9.42 6.21 -1.92
C ILE B 330 -9.76 4.98 -2.78
N ALA B 331 -10.65 5.19 -3.74
CA ALA B 331 -10.99 4.14 -4.71
C ALA B 331 -10.33 4.49 -6.04
N HIS B 332 -10.60 3.67 -7.06
CA HIS B 332 -9.99 3.82 -8.37
C HIS B 332 -10.04 5.26 -8.86
N GLY B 333 -8.88 5.88 -9.01
CA GLY B 333 -8.79 7.22 -9.58
C GLY B 333 -9.17 8.35 -8.65
N ASP B 334 -9.52 8.05 -7.40
CA ASP B 334 -10.01 9.08 -6.49
C ASP B 334 -8.94 10.07 -6.07
N TYR B 335 -7.69 9.75 -6.39
CA TYR B 335 -6.56 10.61 -6.01
C TYR B 335 -6.47 11.84 -6.92
N ALA B 336 -7.24 11.83 -8.00
CA ALA B 336 -7.19 12.92 -8.98
C ALA B 336 -8.57 13.40 -9.37
N VAL B 337 -9.47 13.44 -8.39
CA VAL B 337 -10.85 13.79 -8.64
C VAL B 337 -11.23 15.12 -7.96
N ASP B 338 -10.57 15.44 -6.85
CA ASP B 338 -10.80 16.70 -6.16
C ASP B 338 -9.48 17.30 -5.75
N LEU B 339 -9.10 18.38 -6.43
CA LEU B 339 -7.80 19.03 -6.22
C LEU B 339 -7.65 19.61 -4.82
N THR B 340 -8.75 19.71 -4.06
CA THR B 340 -8.63 20.26 -2.70
C THR B 340 -8.38 19.17 -1.65
N ALA B 341 -8.48 17.91 -2.03
CA ALA B 341 -8.25 16.85 -1.05
C ALA B 341 -6.79 16.87 -0.61
N PRO B 342 -6.55 16.87 0.70
CA PRO B 342 -5.16 16.78 1.14
C PRO B 342 -4.47 15.54 0.56
N GLU B 343 -5.22 14.46 0.34
CA GLU B 343 -4.63 13.27 -0.27
C GLU B 343 -4.03 13.60 -1.63
N THR B 344 -4.82 14.29 -2.44
CA THR B 344 -4.42 14.71 -3.77
C THR B 344 -3.26 15.70 -3.74
N GLN B 345 -3.35 16.69 -2.87
CA GLN B 345 -2.29 17.69 -2.78
CA GLN B 345 -2.29 17.69 -2.77
C GLN B 345 -0.98 17.03 -2.39
N HIS B 346 -1.07 16.09 -1.46
CA HIS B 346 0.12 15.38 -1.02
C HIS B 346 0.65 14.49 -2.13
N ALA B 347 -0.24 13.72 -2.74
CA ALA B 347 0.19 12.75 -3.73
C ALA B 347 0.99 13.44 -4.83
N PHE B 348 0.49 14.56 -5.31
CA PHE B 348 1.15 15.21 -6.42
C PHE B 348 2.34 16.06 -6.01
N ALA B 349 2.37 16.50 -4.75
CA ALA B 349 3.60 17.07 -4.24
C ALA B 349 4.69 15.99 -4.17
N GLU B 350 4.32 14.79 -3.76
CA GLU B 350 5.25 13.66 -3.84
C GLU B 350 5.67 13.36 -5.29
N LEU B 351 4.72 13.37 -6.22
CA LEU B 351 5.08 13.16 -7.63
C LEU B 351 6.08 14.23 -8.07
N ASN B 352 5.78 15.48 -7.74
CA ASN B 352 6.70 16.57 -8.04
C ASN B 352 8.11 16.28 -7.52
N ALA B 353 8.22 15.94 -6.25
CA ALA B 353 9.52 15.61 -5.67
C ALA B 353 10.14 14.43 -6.41
N PHE B 354 9.30 13.50 -6.81
CA PHE B 354 9.75 12.28 -7.48
C PHE B 354 10.35 12.60 -8.83
N LEU B 355 9.68 13.49 -9.57
CA LEU B 355 10.17 13.92 -10.89
C LEU B 355 11.46 14.73 -10.74
N LEU B 356 11.50 15.60 -9.74
CA LEU B 356 12.71 16.37 -9.47
C LEU B 356 13.90 15.46 -9.20
N GLN B 357 13.67 14.39 -8.47
CA GLN B 357 14.76 13.46 -8.19
C GLN B 357 15.21 12.65 -9.40
N HIS B 358 14.27 12.20 -10.22
CA HIS B 358 14.60 11.20 -11.23
C HIS B 358 14.80 11.73 -12.65
N LEU B 359 14.14 12.83 -13.02
CA LEU B 359 14.32 13.36 -14.36
C LEU B 359 15.60 14.17 -14.43
N ARG B 360 16.36 14.03 -15.51
CA ARG B 360 17.53 14.87 -15.69
C ARG B 360 17.87 15.06 -17.16
#